data_2V0N
#
_entry.id   2V0N
#
_cell.length_a   128.965
_cell.length_b   132.557
_cell.length_c   88.425
_cell.angle_alpha   90.00
_cell.angle_beta   90.00
_cell.angle_gamma   90.00
#
_symmetry.space_group_name_H-M   'P 21 21 2'
#
loop_
_entity.id
_entity.type
_entity.pdbx_description
1 polymer 'RESPONSE REGULATOR PLED'
2 non-polymer 'BERYLLIUM TRIFLUORIDE ION'
3 non-polymer 'MAGNESIUM ION'
4 non-polymer "9,9'-[(2R,3R,3aS,5S,7aR,9R,10R,10aS,12S,14aR)-3,5,10,12-tetrahydroxy-5,12-dioxidooctahydro-2H,7H-difuro[3,2-d:3',2'-j][1,3,7,9,2,8]tetraoxadiphosphacyclododecine-2,9-diyl]bis(2-amino-1,9-dihydro-6H-purin-6-one)"
5 non-polymer "GUANOSINE-5'-RP-ALPHA-THIO-TRIPHOSPHATE"
6 non-polymer 'SULFATE ION'
7 non-polymer 'CHLORIDE ION'
8 water water
#
_entity_poly.entity_id   1
_entity_poly.type   'polypeptide(L)'
_entity_poly.pdbx_seq_one_letter_code
;SARILVVDDIEANVRLLEAKLTAEYYEVSTAMDGPTALAMAARDLPDIILLDVMMPGMDGFTVCRKLKDDPTTRHIPVVL
ITALDGRGDRIQGLESGASDFLTKPIDDVMLFARVRSLTRFKLVIDELRQREASGRRMGVIAGAAARLDGLGGRVLIVDD
NERQAQRVAAELGVEHRPVIESDPEKAKISAGGPVDLVIVNAAAKNFDGLRFTAALRSEERTRQLPVLAMVDPDDRGRMV
KALEIGVNDILSRPIDPQELSARVKTQIQRKRYTDYLRNNLDHSLELAVTDQLTGLHNRRYMTGQLDSLVKRATLGGDPV
SALLIDIDFFKKINDTFGHDIGDEVLREFALRLASNVRAIDLPCRYGGEEFVVIMPDTALADALRIAERIRMHVSGSPFT
VAHGREMLNVTISIGVSATAGEGDTPEALLKRADEGVYQAKASGRNAVVGKAAHHHHHH
;
_entity_poly.pdbx_strand_id   A,B
#
# COMPACT_ATOMS: atom_id res chain seq x y z
N SER A 1 4.10 -21.17 9.08
CA SER A 1 3.18 -20.21 8.39
C SER A 1 3.01 -18.91 9.16
N ALA A 2 3.45 -18.94 10.41
CA ALA A 2 3.36 -17.77 11.27
C ALA A 2 4.37 -17.90 12.37
N ARG A 3 4.93 -16.77 12.80
CA ARG A 3 5.79 -16.76 13.96
C ARG A 3 4.94 -16.47 15.17
N ILE A 4 4.99 -17.33 16.18
CA ILE A 4 4.17 -17.14 17.37
C ILE A 4 5.11 -17.04 18.57
N LEU A 5 4.98 -15.95 19.33
CA LEU A 5 5.67 -15.83 20.61
C LEU A 5 4.76 -16.30 21.76
N VAL A 6 5.24 -17.23 22.56
CA VAL A 6 4.49 -17.79 23.68
C VAL A 6 5.13 -17.36 25.00
N VAL A 7 4.33 -16.83 25.93
CA VAL A 7 4.84 -16.28 27.20
C VAL A 7 4.10 -16.86 28.41
N ASP A 8 4.85 -17.37 29.38
CA ASP A 8 4.29 -18.00 30.60
C ASP A 8 5.45 -18.29 31.56
N ASP A 9 5.18 -18.14 32.86
CA ASP A 9 6.21 -18.33 33.90
C ASP A 9 6.57 -19.80 34.21
N ILE A 10 5.71 -20.76 33.85
CA ILE A 10 6.00 -22.17 34.09
C ILE A 10 6.49 -22.88 32.82
N GLU A 11 7.71 -23.42 32.86
CA GLU A 11 8.34 -24.15 31.73
C GLU A 11 7.42 -25.24 31.18
N ALA A 12 6.75 -25.99 32.06
CA ALA A 12 5.81 -27.04 31.63
C ALA A 12 4.75 -26.50 30.67
N ASN A 13 4.16 -25.35 30.99
CA ASN A 13 3.17 -24.71 30.10
C ASN A 13 3.77 -24.31 28.76
N VAL A 14 4.92 -23.65 28.80
CA VAL A 14 5.55 -23.12 27.59
C VAL A 14 5.86 -24.26 26.66
N ARG A 15 6.37 -25.34 27.25
CA ARG A 15 6.82 -26.51 26.51
C ARG A 15 5.68 -27.26 25.85
N LEU A 16 4.57 -27.43 26.58
CA LEU A 16 3.43 -28.16 26.07
C LEU A 16 2.76 -27.42 24.89
N LEU A 17 2.55 -26.12 25.06
CA LEU A 17 1.99 -25.30 23.98
C LEU A 17 2.90 -25.36 22.76
N GLU A 18 4.19 -25.15 22.99
CA GLU A 18 5.17 -25.16 21.90
C GLU A 18 5.05 -26.44 21.04
N ALA A 19 4.90 -27.58 21.68
CA ALA A 19 4.81 -28.85 20.94
C ALA A 19 3.60 -28.83 20.04
N LYS A 20 2.45 -28.45 20.59
CA LYS A 20 1.19 -28.40 19.86
C LYS A 20 1.28 -27.52 18.63
N LEU A 21 1.88 -26.35 18.77
CA LEU A 21 1.96 -25.40 17.69
C LEU A 21 2.97 -25.83 16.63
N THR A 22 4.11 -26.36 17.02
CA THR A 22 5.08 -26.83 16.03
C THR A 22 4.57 -28.09 15.31
N ALA A 23 3.72 -28.87 15.97
CA ALA A 23 3.04 -29.99 15.29
C ALA A 23 2.09 -29.51 14.17
N GLU A 24 1.60 -28.27 14.27
CA GLU A 24 0.85 -27.67 13.15
C GLU A 24 1.75 -26.79 12.26
N TYR A 25 3.06 -26.98 12.34
CA TYR A 25 4.01 -26.32 11.46
C TYR A 25 4.12 -24.81 11.64
N TYR A 26 4.03 -24.32 12.88
CA TYR A 26 4.33 -22.93 13.19
C TYR A 26 5.76 -22.79 13.74
N GLU A 27 6.34 -21.60 13.58
CA GLU A 27 7.64 -21.27 14.15
C GLU A 27 7.45 -20.58 15.51
N VAL A 28 7.72 -21.29 16.59
CA VAL A 28 7.48 -20.79 17.95
C VAL A 28 8.74 -20.29 18.61
N SER A 29 8.65 -19.16 19.31
CA SER A 29 9.70 -18.70 20.21
C SER A 29 9.10 -18.49 21.61
N THR A 30 9.94 -18.31 22.62
CA THR A 30 9.45 -18.28 23.99
C THR A 30 10.10 -17.24 24.88
N ALA A 31 9.34 -16.78 25.87
CA ALA A 31 9.81 -15.89 26.92
C ALA A 31 9.17 -16.41 28.20
N MET A 32 9.72 -16.06 29.36
CA MET A 32 9.15 -16.53 30.63
C MET A 32 8.84 -15.41 31.63
N ASP A 33 8.84 -14.17 31.15
CA ASP A 33 8.35 -13.04 31.94
C ASP A 33 8.08 -11.80 31.07
N GLY A 34 7.52 -10.77 31.67
CA GLY A 34 7.15 -9.57 30.94
C GLY A 34 8.31 -8.85 30.24
N PRO A 35 9.31 -8.42 31.01
CA PRO A 35 10.42 -7.70 30.43
C PRO A 35 10.95 -8.37 29.17
N THR A 36 11.29 -9.64 29.28
CA THR A 36 11.80 -10.40 28.14
C THR A 36 10.84 -10.32 26.98
N ALA A 37 9.58 -10.65 27.27
CA ALA A 37 8.51 -10.67 26.26
C ALA A 37 8.50 -9.41 25.40
N LEU A 38 8.55 -8.26 26.05
CA LEU A 38 8.46 -6.98 25.36
C LEU A 38 9.71 -6.70 24.50
N ALA A 39 10.88 -7.09 25.00
CA ALA A 39 12.12 -7.01 24.22
C ALA A 39 12.02 -7.87 22.94
N MET A 40 11.61 -9.14 23.10
CA MET A 40 11.44 -10.03 21.94
C MET A 40 10.42 -9.52 20.90
N ALA A 41 9.27 -9.01 21.37
CA ALA A 41 8.24 -8.52 20.45
C ALA A 41 8.73 -7.34 19.59
N ALA A 42 9.54 -6.46 20.19
CA ALA A 42 10.04 -5.27 19.49
C ALA A 42 11.18 -5.63 18.53
N ARG A 43 12.05 -6.55 18.95
CA ARG A 43 13.15 -7.02 18.10
C ARG A 43 12.70 -7.93 16.95
N ASP A 44 11.71 -8.78 17.17
CA ASP A 44 11.35 -9.85 16.19
C ASP A 44 10.03 -9.70 15.43
N LEU A 45 9.14 -8.83 15.89
CA LEU A 45 7.82 -8.65 15.25
C LEU A 45 7.08 -9.97 14.87
N PRO A 46 6.74 -10.80 15.88
CA PRO A 46 5.97 -12.00 15.61
C PRO A 46 4.56 -11.72 15.14
N ASP A 47 3.96 -12.72 14.50
CA ASP A 47 2.64 -12.58 13.92
C ASP A 47 1.55 -12.57 14.97
N ILE A 48 1.73 -13.34 16.06
CA ILE A 48 0.74 -13.47 17.15
C ILE A 48 1.47 -13.65 18.47
N ILE A 49 0.89 -13.13 19.56
CA ILE A 49 1.41 -13.39 20.90
C ILE A 49 0.36 -14.08 21.73
N LEU A 50 0.74 -15.22 22.32
CA LEU A 50 -0.05 -15.93 23.33
C LEU A 50 0.54 -15.64 24.71
N LEU A 51 -0.27 -15.17 25.66
CA LEU A 51 0.24 -14.55 26.89
C LEU A 51 -0.45 -15.02 28.18
N ASP A 52 0.32 -15.50 29.16
CA ASP A 52 -0.18 -15.73 30.54
C ASP A 52 -0.48 -14.39 31.20
N VAL A 53 -1.36 -14.40 32.20
CA VAL A 53 -1.64 -13.20 32.94
C VAL A 53 -0.80 -13.14 34.20
N MET A 54 -0.91 -14.19 35.02
CA MET A 54 -0.25 -14.21 36.33
C MET A 54 1.19 -14.64 36.26
N MET A 55 2.07 -13.68 36.52
CA MET A 55 3.52 -13.87 36.49
C MET A 55 4.19 -13.01 37.58
N PRO A 56 5.26 -13.54 38.19
CA PRO A 56 5.97 -12.72 39.18
C PRO A 56 6.52 -11.47 38.52
N GLY A 57 6.45 -10.33 39.21
CA GLY A 57 6.78 -9.05 38.59
C GLY A 57 5.65 -8.61 37.67
N MET A 58 6.00 -7.85 36.63
CA MET A 58 5.04 -7.40 35.61
C MET A 58 4.10 -8.51 35.15
N ASP A 59 2.81 -8.23 35.19
CA ASP A 59 1.82 -9.23 34.80
C ASP A 59 1.26 -8.99 33.40
N GLY A 60 0.37 -9.89 32.97
CA GLY A 60 -0.06 -9.96 31.56
C GLY A 60 -0.88 -8.81 31.05
N PHE A 61 -1.69 -8.21 31.91
CA PHE A 61 -2.48 -7.03 31.56
C PHE A 61 -1.55 -5.85 31.28
N THR A 62 -0.52 -5.68 32.12
CA THR A 62 0.46 -4.62 31.88
C THR A 62 1.20 -4.84 30.57
N VAL A 63 1.78 -6.04 30.42
CA VAL A 63 2.53 -6.40 29.21
C VAL A 63 1.72 -6.10 27.98
N CYS A 64 0.44 -6.43 28.06
CA CYS A 64 -0.51 -6.17 27.00
C CYS A 64 -0.73 -4.67 26.74
N ARG A 65 -0.89 -3.88 27.78
CA ARG A 65 -1.06 -2.42 27.65
C ARG A 65 0.14 -1.79 26.98
N LYS A 66 1.33 -2.21 27.36
CA LYS A 66 2.55 -1.69 26.76
C LYS A 66 2.68 -2.08 25.28
N LEU A 67 2.38 -3.33 24.94
CA LEU A 67 2.41 -3.75 23.54
C LEU A 67 1.52 -2.86 22.64
N LYS A 68 0.34 -2.47 23.12
CA LYS A 68 -0.58 -1.64 22.33
C LYS A 68 -0.23 -0.16 22.36
N ASP A 69 0.64 0.23 23.29
CA ASP A 69 1.03 1.62 23.42
C ASP A 69 2.28 1.96 22.60
N ASP A 70 2.93 0.94 22.05
CA ASP A 70 4.11 1.15 21.24
C ASP A 70 3.78 0.89 19.76
N PRO A 71 3.92 1.92 18.90
CA PRO A 71 3.54 1.79 17.48
C PRO A 71 4.24 0.65 16.70
N THR A 72 5.48 0.34 17.05
CA THR A 72 6.14 -0.86 16.50
C THR A 72 5.33 -2.17 16.67
N THR A 73 4.62 -2.29 17.79
CA THR A 73 3.94 -3.56 18.16
C THR A 73 2.42 -3.46 18.30
N ARG A 74 1.86 -2.25 18.25
CA ARG A 74 0.41 -2.03 18.39
C ARG A 74 -0.47 -2.94 17.53
N HIS A 75 0.03 -3.32 16.36
CA HIS A 75 -0.78 -4.07 15.37
C HIS A 75 -0.81 -5.60 15.57
N ILE A 76 -0.01 -6.12 16.50
CA ILE A 76 0.09 -7.56 16.70
C ILE A 76 -1.08 -8.05 17.56
N PRO A 77 -1.84 -9.04 17.08
CA PRO A 77 -2.88 -9.61 17.91
C PRO A 77 -2.30 -10.32 19.14
N VAL A 78 -2.85 -10.00 20.32
CA VAL A 78 -2.48 -10.66 21.57
C VAL A 78 -3.68 -11.50 22.02
N VAL A 79 -3.44 -12.77 22.30
CA VAL A 79 -4.44 -13.65 22.90
C VAL A 79 -3.99 -13.95 24.32
N LEU A 80 -4.82 -13.65 25.31
CA LEU A 80 -4.49 -14.02 26.70
C LEU A 80 -4.97 -15.45 26.98
N ILE A 81 -4.11 -16.23 27.63
CA ILE A 81 -4.42 -17.59 28.04
C ILE A 81 -4.00 -17.76 29.49
N THR A 82 -4.99 -17.99 30.34
CA THR A 82 -4.84 -17.88 31.78
C THR A 82 -5.71 -18.90 32.53
N ALA A 83 -5.27 -19.25 33.73
CA ALA A 83 -6.06 -20.08 34.62
C ALA A 83 -7.27 -19.29 35.20
N LEU A 84 -7.21 -17.95 35.15
CA LEU A 84 -8.26 -17.09 35.71
C LEU A 84 -9.54 -17.19 34.90
N ASP A 85 -10.67 -17.06 35.59
CA ASP A 85 -11.99 -17.20 34.96
C ASP A 85 -13.13 -16.27 35.47
N GLY A 86 -12.86 -15.37 36.42
CA GLY A 86 -13.87 -14.38 36.84
C GLY A 86 -14.23 -13.46 35.68
N ARG A 87 -15.47 -12.94 35.65
CA ARG A 87 -15.87 -12.04 34.55
C ARG A 87 -15.08 -10.73 34.61
N GLY A 88 -14.64 -10.34 35.80
CA GLY A 88 -13.82 -9.14 36.00
C GLY A 88 -12.46 -9.24 35.32
N ASP A 89 -11.82 -10.39 35.48
CA ASP A 89 -10.54 -10.69 34.81
C ASP A 89 -10.73 -10.62 33.29
N ARG A 90 -11.78 -11.25 32.80
CA ARG A 90 -12.07 -11.23 31.39
C ARG A 90 -12.19 -9.80 30.86
N ILE A 91 -13.02 -8.99 31.52
CA ILE A 91 -13.30 -7.67 31.01
C ILE A 91 -12.03 -6.79 31.04
N GLN A 92 -11.20 -6.91 32.06
CA GLN A 92 -9.97 -6.12 32.10
C GLN A 92 -9.06 -6.52 30.95
N GLY A 93 -8.97 -7.82 30.68
CA GLY A 93 -8.13 -8.32 29.60
C GLY A 93 -8.55 -7.75 28.27
N LEU A 94 -9.85 -7.81 28.00
CA LEU A 94 -10.37 -7.27 26.76
C LEU A 94 -10.24 -5.75 26.70
N GLU A 95 -10.51 -5.08 27.82
CA GLU A 95 -10.36 -3.64 27.89
C GLU A 95 -8.91 -3.19 27.66
N SER A 96 -7.94 -4.01 28.07
CA SER A 96 -6.52 -3.69 27.84
C SER A 96 -6.03 -4.03 26.41
N GLY A 97 -6.91 -4.57 25.60
CA GLY A 97 -6.68 -4.66 24.14
C GLY A 97 -6.56 -6.05 23.51
N ALA A 98 -6.80 -7.11 24.28
CA ALA A 98 -6.63 -8.47 23.76
C ALA A 98 -7.68 -8.80 22.72
N SER A 99 -7.29 -9.60 21.72
CA SER A 99 -8.25 -10.15 20.74
C SER A 99 -9.11 -11.25 21.35
N ASP A 100 -8.52 -12.05 22.22
CA ASP A 100 -9.31 -13.02 22.91
C ASP A 100 -8.72 -13.37 24.25
N PHE A 101 -9.58 -13.95 25.09
CA PHE A 101 -9.29 -14.29 26.45
C PHE A 101 -9.73 -15.74 26.65
N LEU A 102 -8.75 -16.64 26.75
CA LEU A 102 -9.03 -18.08 26.85
C LEU A 102 -8.66 -18.57 28.25
N THR A 103 -9.40 -19.56 28.73
CA THR A 103 -9.10 -20.13 30.05
C THR A 103 -8.41 -21.50 29.91
N LYS A 104 -7.44 -21.75 30.78
CA LYS A 104 -6.77 -23.05 30.80
C LYS A 104 -7.70 -24.06 31.47
N PRO A 105 -7.62 -25.36 31.08
CA PRO A 105 -6.81 -25.93 29.99
C PRO A 105 -7.54 -25.73 28.66
N ILE A 106 -6.82 -25.23 27.66
CA ILE A 106 -7.50 -24.71 26.49
C ILE A 106 -8.05 -25.80 25.60
N ASP A 107 -8.97 -25.36 24.76
CA ASP A 107 -9.52 -26.16 23.69
C ASP A 107 -8.60 -25.99 22.49
N ASP A 108 -7.89 -27.05 22.09
CA ASP A 108 -6.93 -26.96 20.98
C ASP A 108 -7.60 -26.71 19.62
N VAL A 109 -8.64 -27.49 19.31
CA VAL A 109 -9.42 -27.26 18.10
C VAL A 109 -9.77 -25.78 17.91
N MET A 110 -10.16 -25.15 19.02
CA MET A 110 -10.59 -23.75 19.02
C MET A 110 -9.41 -22.78 18.88
N LEU A 111 -8.33 -23.06 19.60
CA LEU A 111 -7.09 -22.26 19.49
C LEU A 111 -6.60 -22.20 18.04
N PHE A 112 -6.61 -23.34 17.37
CA PHE A 112 -6.14 -23.40 16.00
C PHE A 112 -7.10 -22.68 15.08
N ALA A 113 -8.39 -22.87 15.28
CA ALA A 113 -9.37 -22.13 14.47
C ALA A 113 -9.12 -20.61 14.59
N ARG A 114 -8.91 -20.16 15.81
CA ARG A 114 -8.66 -18.74 16.08
C ARG A 114 -7.33 -18.24 15.46
N VAL A 115 -6.27 -19.04 15.59
CA VAL A 115 -4.98 -18.67 15.01
C VAL A 115 -5.10 -18.58 13.49
N ARG A 116 -5.59 -19.65 12.90
CA ARG A 116 -5.86 -19.73 11.47
C ARG A 116 -6.63 -18.49 10.96
N SER A 117 -7.51 -17.93 11.81
CA SER A 117 -8.33 -16.75 11.49
C SER A 117 -7.53 -15.46 11.55
N LEU A 118 -6.80 -15.28 12.63
CA LEU A 118 -5.97 -14.09 12.77
C LEU A 118 -5.00 -13.94 11.60
N THR A 119 -4.34 -15.04 11.23
CA THR A 119 -3.35 -14.98 10.13
C THR A 119 -4.01 -14.70 8.76
N ARG A 120 -5.23 -15.17 8.55
CA ARG A 120 -5.94 -14.87 7.30
C ARG A 120 -6.16 -13.38 7.20
N PHE A 121 -6.62 -12.78 8.28
CA PHE A 121 -6.74 -11.32 8.36
C PHE A 121 -5.41 -10.57 8.21
N LYS A 122 -4.38 -10.97 8.94
CA LYS A 122 -3.10 -10.29 8.85
C LYS A 122 -2.58 -10.17 7.43
N LEU A 123 -3.00 -11.04 6.51
CA LEU A 123 -2.49 -11.01 5.12
C LEU A 123 -2.73 -9.68 4.42
N VAL A 124 -3.97 -9.21 4.46
CA VAL A 124 -4.30 -7.92 3.86
C VAL A 124 -3.52 -6.84 4.60
N ILE A 125 -3.75 -6.74 5.91
CA ILE A 125 -3.17 -5.67 6.71
C ILE A 125 -1.67 -5.54 6.49
N ASP A 126 -0.95 -6.65 6.44
CA ASP A 126 0.50 -6.53 6.36
C ASP A 126 1.04 -6.26 4.94
N GLU A 127 0.31 -6.62 3.89
CA GLU A 127 0.62 -6.09 2.56
C GLU A 127 0.48 -4.56 2.56
N LEU A 128 -0.60 -4.09 3.17
CA LEU A 128 -0.84 -2.68 3.31
C LEU A 128 0.26 -1.98 4.09
N ARG A 129 0.60 -2.49 5.26
CA ARG A 129 1.60 -1.84 6.09
C ARG A 129 2.92 -1.79 5.37
N GLN A 130 3.18 -2.85 4.62
CA GLN A 130 4.44 -3.01 3.91
C GLN A 130 4.59 -1.96 2.80
N ARG A 131 3.54 -1.77 2.00
CA ARG A 131 3.52 -0.76 0.96
C ARG A 131 3.67 0.62 1.58
N GLU A 132 2.92 0.83 2.64
CA GLU A 132 2.84 2.13 3.27
C GLU A 132 4.15 2.49 3.94
N ALA A 133 4.85 1.51 4.52
CA ALA A 133 6.21 1.76 5.07
C ALA A 133 7.23 2.02 3.96
N SER A 134 6.97 1.49 2.78
CA SER A 134 7.79 1.83 1.62
C SER A 134 7.57 3.31 1.28
N GLY A 135 6.31 3.76 1.31
CA GLY A 135 5.98 5.18 1.13
C GLY A 135 6.61 6.10 2.17
N ARG A 136 6.70 5.68 3.42
CA ARG A 136 7.34 6.50 4.43
C ARG A 136 8.84 6.57 4.19
N ARG A 137 9.46 5.46 3.81
CA ARG A 137 10.91 5.40 3.65
C ARG A 137 11.43 6.19 2.45
N MET A 138 10.62 6.29 1.40
CA MET A 138 10.98 7.03 0.22
C MET A 138 10.65 8.52 0.36
N GLY A 139 9.96 8.89 1.45
CA GLY A 139 9.79 10.31 1.85
C GLY A 139 8.49 11.00 1.42
N VAL A 140 7.42 10.25 1.24
CA VAL A 140 6.17 10.80 0.76
C VAL A 140 5.08 10.85 1.84
N ILE A 141 4.85 9.71 2.48
CA ILE A 141 3.89 9.58 3.55
C ILE A 141 4.52 9.98 4.89
N ALA A 142 3.82 10.84 5.64
CA ALA A 142 4.23 11.26 6.98
C ALA A 142 2.99 11.41 7.89
N GLY A 143 3.16 11.14 9.18
CA GLY A 143 2.07 11.27 10.15
C GLY A 143 1.94 10.12 11.14
N ALA A 144 0.78 10.02 11.77
CA ALA A 144 0.58 9.06 12.87
C ALA A 144 -0.91 8.76 13.08
N ALA A 145 -1.24 7.51 13.40
CA ALA A 145 -2.63 7.07 13.69
C ALA A 145 -3.05 7.56 15.06
N ALA A 146 -4.35 7.79 15.26
CA ALA A 146 -4.90 8.31 16.54
C ALA A 146 -4.64 7.43 17.77
N ARG A 147 -4.64 6.88 18.68
CA ARG A 147 -4.02 5.94 19.61
C ARG A 147 -5.03 5.40 20.62
N LEU A 148 -5.83 6.30 21.19
CA LEU A 148 -7.28 6.13 21.23
C LEU A 148 -7.83 5.72 19.86
N ASP A 149 -8.65 5.81 18.57
CA ASP A 149 -10.08 6.15 18.36
C ASP A 149 -10.91 4.90 17.99
N GLY A 150 -11.57 4.30 18.99
CA GLY A 150 -12.51 3.18 18.80
C GLY A 150 -13.97 3.48 19.18
N LEU A 151 -14.25 4.75 19.51
CA LEU A 151 -15.60 5.22 19.88
C LEU A 151 -16.25 5.95 18.70
N GLY A 152 -17.49 6.39 18.88
CA GLY A 152 -18.33 6.77 17.74
C GLY A 152 -18.64 5.46 17.05
N GLY A 153 -18.74 5.45 15.73
CA GLY A 153 -18.86 4.17 15.01
C GLY A 153 -20.29 3.70 14.79
N ARG A 154 -20.68 3.60 13.53
CA ARG A 154 -22.06 3.27 13.19
C ARG A 154 -22.17 1.77 13.14
N VAL A 155 -23.08 1.22 13.94
CA VAL A 155 -23.14 -0.21 14.18
C VAL A 155 -24.48 -0.75 13.72
N LEU A 156 -24.45 -1.78 12.87
CA LEU A 156 -25.68 -2.42 12.41
C LEU A 156 -25.95 -3.73 13.16
N ILE A 157 -27.11 -3.81 13.80
CA ILE A 157 -27.50 -4.95 14.60
C ILE A 157 -28.50 -5.79 13.84
N VAL A 158 -28.04 -6.80 13.13
CA VAL A 158 -28.94 -7.73 12.42
C VAL A 158 -29.39 -8.82 13.39
N ASP A 159 -30.63 -8.74 13.89
CA ASP A 159 -31.10 -9.64 14.95
C ASP A 159 -32.61 -9.84 14.96
N ASP A 160 -33.00 -11.05 15.32
CA ASP A 160 -34.36 -11.56 15.23
C ASP A 160 -35.15 -11.31 16.54
N ASN A 161 -34.40 -11.13 17.62
CA ASN A 161 -34.90 -11.13 18.99
C ASN A 161 -35.10 -9.69 19.49
N GLU A 162 -36.29 -9.16 19.32
CA GLU A 162 -36.58 -7.80 19.74
C GLU A 162 -35.80 -7.40 20.98
N ARG A 163 -35.99 -8.17 22.05
CA ARG A 163 -35.55 -7.76 23.37
C ARG A 163 -34.03 -7.70 23.49
N GLN A 164 -33.37 -8.74 22.98
CA GLN A 164 -31.92 -8.79 22.95
C GLN A 164 -31.36 -7.68 22.05
N ALA A 165 -31.97 -7.53 20.88
CA ALA A 165 -31.60 -6.45 19.97
C ALA A 165 -31.60 -5.11 20.73
N GLN A 166 -32.63 -4.92 21.56
CA GLN A 166 -32.84 -3.67 22.28
C GLN A 166 -31.81 -3.44 23.37
N ARG A 167 -31.43 -4.50 24.07
CA ARG A 167 -30.40 -4.44 25.10
C ARG A 167 -29.01 -4.12 24.53
N VAL A 168 -28.65 -4.85 23.48
CA VAL A 168 -27.44 -4.55 22.72
C VAL A 168 -27.38 -3.09 22.29
N ALA A 169 -28.51 -2.57 21.78
CA ALA A 169 -28.61 -1.17 21.35
C ALA A 169 -28.49 -0.18 22.50
N ALA A 170 -29.02 -0.51 23.66
CA ALA A 170 -28.96 0.39 24.83
C ALA A 170 -27.52 0.52 25.31
N GLU A 171 -26.81 -0.60 25.35
CA GLU A 171 -25.44 -0.58 25.84
C GLU A 171 -24.51 0.20 24.92
N LEU A 172 -24.59 -0.07 23.63
CA LEU A 172 -23.77 0.64 22.66
C LEU A 172 -24.17 2.11 22.53
N GLY A 173 -25.43 2.39 22.81
CA GLY A 173 -26.02 3.71 22.59
C GLY A 173 -25.27 4.93 23.11
N VAL A 174 -24.56 4.74 24.23
CA VAL A 174 -23.86 5.84 24.89
C VAL A 174 -22.63 6.29 24.10
N GLU A 175 -21.83 5.32 23.66
CA GLU A 175 -20.56 5.58 23.00
C GLU A 175 -20.61 5.46 21.47
N HIS A 176 -21.64 4.81 20.91
CA HIS A 176 -21.74 4.63 19.45
C HIS A 176 -23.14 4.94 18.94
N ARG A 177 -23.35 4.93 17.63
CA ARG A 177 -24.68 5.09 17.06
C ARG A 177 -25.18 3.76 16.49
N PRO A 178 -25.94 2.99 17.28
CA PRO A 178 -26.53 1.74 16.80
C PRO A 178 -27.80 1.90 15.96
N VAL A 179 -28.08 0.91 15.11
CA VAL A 179 -29.36 0.80 14.41
C VAL A 179 -29.78 -0.65 14.34
N ILE A 180 -31.02 -0.93 14.73
CA ILE A 180 -31.58 -2.29 14.68
C ILE A 180 -32.24 -2.58 13.33
N GLU A 181 -32.14 -3.83 12.89
CA GLU A 181 -32.72 -4.27 11.62
C GLU A 181 -32.94 -5.79 11.61
N SER A 182 -34.20 -6.20 11.78
CA SER A 182 -34.54 -7.62 11.90
C SER A 182 -34.72 -8.34 10.56
N ASP A 183 -34.76 -7.59 9.46
CA ASP A 183 -34.92 -8.18 8.14
C ASP A 183 -33.56 -8.37 7.51
N PRO A 184 -33.20 -9.63 7.18
CA PRO A 184 -31.89 -9.90 6.56
C PRO A 184 -31.75 -9.33 5.15
N GLU A 185 -32.84 -9.34 4.37
CA GLU A 185 -32.76 -8.84 3.00
C GLU A 185 -32.51 -7.33 2.97
N LYS A 186 -33.28 -6.58 3.75
CA LYS A 186 -33.02 -5.14 3.97
C LYS A 186 -31.61 -4.91 4.52
N ALA A 187 -31.23 -5.74 5.49
CA ALA A 187 -29.92 -5.62 6.15
C ALA A 187 -28.77 -5.70 5.16
N LYS A 188 -28.85 -6.60 4.18
CA LYS A 188 -27.87 -6.64 3.09
C LYS A 188 -27.66 -5.24 2.48
N ILE A 189 -28.76 -4.53 2.21
CA ILE A 189 -28.65 -3.18 1.63
C ILE A 189 -27.97 -2.22 2.63
N SER A 190 -28.56 -2.07 3.82
CA SER A 190 -28.03 -1.18 4.88
C SER A 190 -26.53 -1.38 5.10
N ALA A 191 -26.11 -2.64 5.14
CA ALA A 191 -24.70 -3.00 5.39
C ALA A 191 -23.74 -2.43 4.36
N GLY A 192 -24.24 -2.19 3.15
CA GLY A 192 -23.46 -1.53 2.10
C GLY A 192 -23.21 -0.06 2.41
N GLY A 193 -24.20 0.60 2.99
CA GLY A 193 -24.17 2.05 3.24
C GLY A 193 -23.13 2.52 4.24
N PRO A 194 -23.50 3.51 5.06
CA PRO A 194 -22.56 4.04 6.06
C PRO A 194 -22.58 3.21 7.37
N VAL A 195 -21.74 2.17 7.40
CA VAL A 195 -21.68 1.25 8.55
C VAL A 195 -20.25 0.83 8.84
N ASP A 196 -19.88 0.80 10.12
CA ASP A 196 -18.52 0.43 10.55
C ASP A 196 -18.43 -1.01 11.05
N LEU A 197 -19.53 -1.55 11.56
CA LEU A 197 -19.51 -2.87 12.16
C LEU A 197 -20.90 -3.46 12.13
N VAL A 198 -20.98 -4.76 11.86
CA VAL A 198 -22.25 -5.48 11.92
C VAL A 198 -22.18 -6.46 13.08
N ILE A 199 -23.24 -6.50 13.88
CA ILE A 199 -23.42 -7.52 14.89
C ILE A 199 -24.54 -8.45 14.44
N VAL A 200 -24.26 -9.74 14.34
CA VAL A 200 -25.18 -10.72 13.77
C VAL A 200 -25.50 -11.82 14.75
N ASN A 201 -26.74 -12.31 14.73
CA ASN A 201 -27.17 -13.38 15.63
C ASN A 201 -27.08 -14.76 14.97
N ALA A 202 -26.13 -15.57 15.41
CA ALA A 202 -25.94 -16.87 14.80
C ALA A 202 -27.02 -17.86 15.21
N ALA A 203 -27.65 -17.62 16.36
CA ALA A 203 -28.75 -18.44 16.88
C ALA A 203 -30.12 -17.80 16.65
N ALA A 204 -30.26 -16.99 15.60
CA ALA A 204 -31.54 -16.37 15.23
C ALA A 204 -32.49 -17.48 14.79
N LYS A 205 -33.80 -17.30 15.03
CA LYS A 205 -34.81 -18.33 14.73
C LYS A 205 -35.34 -18.28 13.27
N ASN A 206 -35.39 -17.10 12.66
CA ASN A 206 -36.04 -16.92 11.36
C ASN A 206 -35.08 -16.80 10.19
N PHE A 207 -33.77 -16.84 10.46
CA PHE A 207 -32.76 -16.83 9.39
C PHE A 207 -31.43 -17.30 9.94
N ASP A 208 -30.52 -17.70 9.03
CA ASP A 208 -29.20 -18.20 9.40
C ASP A 208 -28.15 -17.08 9.37
N GLY A 209 -27.75 -16.65 10.56
CA GLY A 209 -26.80 -15.54 10.72
C GLY A 209 -25.46 -15.80 10.04
N LEU A 210 -25.03 -17.06 10.05
CA LEU A 210 -23.80 -17.47 9.38
C LEU A 210 -23.94 -17.42 7.87
N ARG A 211 -25.07 -17.89 7.33
CA ARG A 211 -25.31 -17.74 5.91
C ARG A 211 -25.35 -16.25 5.51
N PHE A 212 -25.99 -15.44 6.35
CA PHE A 212 -26.06 -14.01 6.12
C PHE A 212 -24.65 -13.37 6.07
N THR A 213 -23.76 -13.86 6.92
CA THR A 213 -22.38 -13.35 6.97
C THR A 213 -21.61 -13.76 5.74
N ALA A 214 -21.73 -15.04 5.38
CA ALA A 214 -21.15 -15.56 4.15
C ALA A 214 -21.58 -14.69 2.98
N ALA A 215 -22.86 -14.31 2.97
CA ALA A 215 -23.37 -13.40 1.96
C ALA A 215 -22.56 -12.09 1.92
N LEU A 216 -22.41 -11.42 3.06
CA LEU A 216 -21.63 -10.17 3.09
C LEU A 216 -20.22 -10.41 2.59
N ARG A 217 -19.61 -11.49 3.05
CA ARG A 217 -18.24 -11.82 2.67
C ARG A 217 -18.07 -12.13 1.18
N SER A 218 -19.06 -12.73 0.54
CA SER A 218 -18.90 -13.08 -0.87
C SER A 218 -18.98 -11.82 -1.80
N GLU A 219 -19.87 -10.88 -1.52
CA GLU A 219 -20.00 -9.66 -2.35
C GLU A 219 -18.83 -8.68 -2.09
N GLU A 220 -18.22 -8.19 -3.16
CA GLU A 220 -16.93 -7.45 -3.07
C GLU A 220 -16.98 -6.14 -2.29
N ARG A 221 -18.15 -5.53 -2.23
CA ARG A 221 -18.36 -4.25 -1.54
C ARG A 221 -18.17 -4.34 -0.01
N THR A 222 -18.66 -5.42 0.58
CA THR A 222 -18.73 -5.55 2.02
C THR A 222 -17.78 -6.63 2.57
N ARG A 223 -16.80 -7.04 1.75
CA ARG A 223 -15.91 -8.14 2.13
C ARG A 223 -14.95 -7.81 3.29
N GLN A 224 -14.68 -6.52 3.51
CA GLN A 224 -13.81 -6.07 4.59
C GLN A 224 -14.58 -5.67 5.86
N LEU A 225 -15.88 -5.39 5.70
CA LEU A 225 -16.72 -4.94 6.79
C LEU A 225 -16.66 -5.88 8.01
N PRO A 226 -16.19 -5.40 9.16
CA PRO A 226 -16.08 -6.26 10.33
C PRO A 226 -17.43 -6.78 10.80
N VAL A 227 -17.43 -8.04 11.22
CA VAL A 227 -18.63 -8.68 11.68
C VAL A 227 -18.31 -9.36 12.98
N LEU A 228 -19.18 -9.12 13.97
CA LEU A 228 -19.08 -9.73 15.27
C LEU A 228 -20.33 -10.62 15.44
N ALA A 229 -20.14 -11.90 15.77
CA ALA A 229 -21.25 -12.85 15.81
C ALA A 229 -21.59 -13.28 17.23
N MET A 230 -22.88 -13.30 17.54
CA MET A 230 -23.39 -13.84 18.80
C MET A 230 -23.65 -15.33 18.57
N VAL A 231 -23.06 -16.17 19.40
CA VAL A 231 -23.17 -17.62 19.22
C VAL A 231 -23.59 -18.30 20.52
N ASP A 232 -24.33 -19.40 20.38
CA ASP A 232 -24.63 -20.29 21.50
C ASP A 232 -23.29 -20.88 21.98
N PRO A 233 -23.10 -20.99 23.31
CA PRO A 233 -21.77 -21.34 23.81
C PRO A 233 -21.48 -22.85 23.85
N ASP A 234 -22.50 -23.68 23.57
CA ASP A 234 -22.38 -25.14 23.60
C ASP A 234 -22.40 -25.74 22.19
N ASP A 235 -21.79 -25.04 21.24
CA ASP A 235 -21.79 -25.45 19.85
C ASP A 235 -20.43 -25.14 19.22
N ARG A 236 -19.41 -25.81 19.74
CA ARG A 236 -18.04 -25.61 19.30
C ARG A 236 -17.90 -25.68 17.78
N GLY A 237 -18.63 -26.59 17.15
CA GLY A 237 -18.56 -26.81 15.71
C GLY A 237 -19.03 -25.60 14.93
N ARG A 238 -20.13 -25.02 15.37
CA ARG A 238 -20.69 -23.83 14.75
C ARG A 238 -19.80 -22.61 14.99
N MET A 239 -19.13 -22.58 16.13
CA MET A 239 -18.17 -21.53 16.46
C MET A 239 -17.00 -21.55 15.47
N VAL A 240 -16.51 -22.75 15.21
CA VAL A 240 -15.41 -22.93 14.29
C VAL A 240 -15.87 -22.53 12.90
N LYS A 241 -17.07 -22.96 12.52
CA LYS A 241 -17.66 -22.61 11.24
C LYS A 241 -17.68 -21.11 11.05
N ALA A 242 -18.21 -20.42 12.07
CA ALA A 242 -18.24 -18.98 12.11
C ALA A 242 -16.88 -18.37 11.82
N LEU A 243 -15.85 -18.86 12.51
CA LEU A 243 -14.51 -18.34 12.28
C LEU A 243 -14.05 -18.67 10.88
N GLU A 244 -14.38 -19.86 10.39
CA GLU A 244 -13.97 -20.28 9.04
C GLU A 244 -14.61 -19.44 7.94
N ILE A 245 -15.90 -19.16 8.00
CA ILE A 245 -16.52 -18.35 6.92
C ILE A 245 -16.07 -16.89 6.92
N GLY A 246 -15.58 -16.39 8.05
CA GLY A 246 -14.86 -15.11 8.07
C GLY A 246 -15.17 -14.11 9.15
N VAL A 247 -15.95 -14.52 10.14
CA VAL A 247 -16.32 -13.68 11.28
C VAL A 247 -15.08 -13.10 11.98
N ASN A 248 -15.07 -11.80 12.23
CA ASN A 248 -13.93 -11.18 12.92
C ASN A 248 -13.79 -11.62 14.36
N ASP A 249 -14.92 -11.82 15.05
CA ASP A 249 -14.90 -12.21 16.45
C ASP A 249 -16.23 -12.75 16.95
N ILE A 250 -16.16 -13.56 18.00
CA ILE A 250 -17.30 -14.25 18.56
C ILE A 250 -17.60 -13.77 19.97
N LEU A 251 -18.88 -13.74 20.28
CA LEU A 251 -19.37 -13.30 21.57
C LEU A 251 -20.40 -14.34 22.01
N SER A 252 -20.15 -14.99 23.15
CA SER A 252 -21.07 -16.01 23.66
C SER A 252 -22.28 -15.41 24.34
N ARG A 253 -23.44 -15.99 24.06
CA ARG A 253 -24.65 -15.58 24.75
C ARG A 253 -24.82 -16.46 26.00
N PRO A 254 -25.42 -15.90 27.06
CA PRO A 254 -26.13 -14.60 27.11
C PRO A 254 -25.17 -13.41 27.17
N ILE A 255 -25.49 -12.37 26.41
CA ILE A 255 -24.55 -11.25 26.21
C ILE A 255 -24.16 -10.58 27.52
N ASP A 256 -22.86 -10.57 27.80
CA ASP A 256 -22.32 -9.73 28.84
C ASP A 256 -22.09 -8.34 28.25
N PRO A 257 -22.79 -7.30 28.76
CA PRO A 257 -22.81 -5.96 28.16
C PRO A 257 -21.47 -5.21 28.17
N GLN A 258 -20.58 -5.56 29.09
CA GLN A 258 -19.27 -4.95 29.09
C GLN A 258 -18.28 -5.74 28.25
N GLU A 259 -18.46 -7.07 28.16
CA GLU A 259 -17.73 -7.82 27.15
C GLU A 259 -18.07 -7.19 25.79
N LEU A 260 -19.36 -7.05 25.49
CA LEU A 260 -19.83 -6.44 24.24
C LEU A 260 -19.13 -5.14 23.96
N SER A 261 -19.14 -4.24 24.93
CA SER A 261 -18.53 -2.94 24.73
C SER A 261 -17.06 -3.03 24.40
N ALA A 262 -16.34 -3.95 25.04
CA ALA A 262 -14.92 -4.05 24.83
C ALA A 262 -14.63 -4.60 23.44
N ARG A 263 -15.40 -5.60 23.01
CA ARG A 263 -15.11 -6.25 21.73
C ARG A 263 -15.50 -5.37 20.56
N VAL A 264 -16.51 -4.52 20.72
CA VAL A 264 -16.90 -3.60 19.65
C VAL A 264 -15.83 -2.54 19.43
N LYS A 265 -15.32 -1.99 20.51
CA LYS A 265 -14.26 -0.99 20.42
C LYS A 265 -13.03 -1.54 19.70
N THR A 266 -12.60 -2.73 20.07
CA THR A 266 -11.45 -3.36 19.44
C THR A 266 -11.60 -3.46 17.93
N GLN A 267 -12.78 -3.87 17.49
CA GLN A 267 -12.98 -4.08 16.07
C GLN A 267 -13.05 -2.77 15.32
N ILE A 268 -13.66 -1.78 15.92
CA ILE A 268 -13.81 -0.49 15.28
C ILE A 268 -12.48 0.24 15.12
N GLN A 269 -11.58 0.15 16.09
CA GLN A 269 -10.28 0.77 15.87
C GLN A 269 -9.39 -0.04 14.92
N ARG A 270 -9.59 -1.34 14.82
CA ARG A 270 -8.90 -2.15 13.81
C ARG A 270 -9.39 -1.76 12.42
N LYS A 271 -10.68 -1.46 12.30
CA LYS A 271 -11.23 -1.05 11.02
C LYS A 271 -10.64 0.27 10.59
N ARG A 272 -10.58 1.21 11.53
CA ARG A 272 -10.06 2.52 11.25
C ARG A 272 -8.56 2.50 11.00
N TYR A 273 -7.85 1.55 11.60
CA TYR A 273 -6.43 1.47 11.32
C TYR A 273 -6.20 1.11 9.86
N THR A 274 -6.96 0.16 9.35
CA THR A 274 -6.78 -0.28 7.97
C THR A 274 -7.32 0.80 7.00
N ASP A 275 -8.23 1.63 7.47
CA ASP A 275 -8.73 2.73 6.65
C ASP A 275 -7.67 3.81 6.51
N TYR A 276 -7.07 4.17 7.63
CA TYR A 276 -6.00 5.15 7.66
C TYR A 276 -4.86 4.75 6.72
N LEU A 277 -4.56 3.45 6.64
CA LEU A 277 -3.52 2.97 5.74
C LEU A 277 -3.93 3.13 4.29
N ARG A 278 -5.15 2.75 3.97
CA ARG A 278 -5.68 2.86 2.60
C ARG A 278 -5.72 4.30 2.14
N ASN A 279 -5.99 5.23 3.05
CA ASN A 279 -6.05 6.63 2.67
C ASN A 279 -4.66 7.20 2.42
N ASN A 280 -3.75 6.99 3.37
CA ASN A 280 -2.36 7.39 3.15
C ASN A 280 -1.90 6.98 1.75
N LEU A 281 -2.20 5.74 1.39
CA LEU A 281 -1.75 5.14 0.14
C LEU A 281 -2.38 5.75 -1.11
N ASP A 282 -3.66 6.14 -1.05
CA ASP A 282 -4.39 6.53 -2.27
C ASP A 282 -4.50 8.01 -2.42
N HIS A 283 -5.09 8.61 -1.40
CA HIS A 283 -5.35 10.04 -1.37
C HIS A 283 -4.09 10.86 -1.59
N SER A 284 -2.93 10.21 -1.57
CA SER A 284 -1.68 10.93 -1.74
C SER A 284 -1.28 11.22 -3.17
N LEU A 285 -1.94 10.63 -4.17
CA LEU A 285 -1.73 11.06 -5.57
C LEU A 285 -2.83 12.06 -6.06
N GLU A 286 -3.75 12.44 -5.17
CA GLU A 286 -4.82 13.37 -5.54
C GLU A 286 -4.32 14.81 -5.55
N LEU A 287 -4.26 15.78 -5.23
CA LEU A 287 -4.45 17.25 -5.00
C LEU A 287 -3.87 18.28 -6.03
N ALA A 288 -4.03 18.22 -7.61
CA ALA A 288 -3.28 19.11 -8.50
C ALA A 288 -1.95 19.51 -7.84
N VAL A 289 -1.47 20.72 -8.16
CA VAL A 289 -0.05 21.14 -8.03
C VAL A 289 0.90 20.67 -9.17
N THR A 290 0.85 19.40 -9.58
CA THR A 290 1.55 19.01 -10.82
C THR A 290 0.60 18.55 -11.92
N ASP A 291 1.17 18.40 -13.12
CA ASP A 291 0.47 18.01 -14.35
C ASP A 291 0.70 16.54 -14.60
N GLN A 292 -0.39 15.80 -14.72
CA GLN A 292 -0.36 14.34 -14.70
C GLN A 292 0.53 13.76 -15.79
N LEU A 293 0.34 14.22 -17.02
CA LEU A 293 1.07 13.68 -18.16
C LEU A 293 2.60 13.85 -18.04
N THR A 294 3.06 15.04 -17.67
CA THR A 294 4.49 15.37 -17.80
C THR A 294 5.28 15.32 -16.49
N GLY A 295 4.59 15.41 -15.37
CA GLY A 295 5.27 15.52 -14.09
C GLY A 295 5.61 16.95 -13.70
N LEU A 296 5.66 17.90 -14.65
CA LEU A 296 6.05 19.28 -14.31
C LEU A 296 4.95 19.95 -13.47
N HIS A 297 5.21 21.13 -12.93
CA HIS A 297 4.18 21.84 -12.14
C HIS A 297 3.10 22.36 -13.05
N ASN A 298 1.90 22.50 -12.51
CA ASN A 298 0.79 23.00 -13.29
C ASN A 298 0.83 24.51 -13.37
N ARG A 299 -0.16 25.08 -14.05
CA ARG A 299 -0.23 26.50 -14.33
C ARG A 299 -0.64 27.32 -13.11
N ARG A 300 -1.63 26.84 -12.39
CA ARG A 300 -2.10 27.50 -11.20
C ARG A 300 -0.92 27.71 -10.24
N TYR A 301 -0.12 26.66 -10.02
CA TYR A 301 1.05 26.76 -9.13
C TYR A 301 2.01 27.83 -9.64
N MET A 302 2.34 27.75 -10.92
CA MET A 302 3.29 28.67 -11.54
C MET A 302 2.86 30.14 -11.43
N THR A 303 1.63 30.47 -11.76
CA THR A 303 1.21 31.88 -11.65
C THR A 303 1.22 32.41 -10.20
N GLY A 304 0.93 31.54 -9.23
CA GLY A 304 1.07 31.91 -7.83
C GLY A 304 2.50 32.37 -7.52
N GLN A 305 3.47 31.53 -7.86
CA GLN A 305 4.88 31.85 -7.63
C GLN A 305 5.30 33.11 -8.37
N LEU A 306 4.82 33.27 -9.59
CA LEU A 306 5.24 34.40 -10.41
C LEU A 306 4.76 35.72 -9.81
N ASP A 307 3.59 35.69 -9.18
CA ASP A 307 3.07 36.88 -8.51
C ASP A 307 4.05 37.36 -7.43
N SER A 308 4.40 36.47 -6.51
CA SER A 308 5.31 36.80 -5.42
C SER A 308 6.66 37.29 -5.95
N LEU A 309 7.23 36.58 -6.93
CA LEU A 309 8.55 36.93 -7.45
C LEU A 309 8.54 38.29 -8.14
N VAL A 310 7.47 38.59 -8.87
CA VAL A 310 7.43 39.83 -9.63
C VAL A 310 7.21 41.03 -8.69
N LYS A 311 6.37 40.85 -7.68
CA LYS A 311 6.17 41.91 -6.71
C LYS A 311 7.51 42.28 -6.09
N ARG A 312 8.21 41.29 -5.54
CA ARG A 312 9.51 41.52 -4.93
C ARG A 312 10.43 42.19 -5.94
N ALA A 313 10.35 41.82 -7.20
CA ALA A 313 11.19 42.45 -8.22
C ALA A 313 10.89 43.94 -8.31
N THR A 314 9.61 44.28 -8.49
CA THR A 314 9.19 45.66 -8.70
C THR A 314 9.57 46.62 -7.57
N LEU A 315 9.61 46.12 -6.32
CA LEU A 315 9.98 46.94 -5.16
C LEU A 315 11.49 46.96 -4.88
N GLY A 316 12.30 46.46 -5.80
CA GLY A 316 13.74 46.63 -5.70
C GLY A 316 14.57 45.37 -5.61
N GLY A 317 13.93 44.22 -5.47
CA GLY A 317 14.64 42.95 -5.33
C GLY A 317 15.17 42.38 -6.62
N ASP A 318 15.50 41.08 -6.60
CA ASP A 318 16.11 40.40 -7.75
C ASP A 318 15.19 40.44 -8.94
N PRO A 319 15.74 40.52 -10.15
CA PRO A 319 14.91 40.46 -11.37
C PRO A 319 14.44 39.04 -11.67
N VAL A 320 13.40 38.91 -12.49
CA VAL A 320 12.84 37.62 -12.88
C VAL A 320 12.66 37.60 -14.38
N SER A 321 12.92 36.43 -14.98
CA SER A 321 12.68 36.19 -16.41
C SER A 321 11.73 35.04 -16.65
N ALA A 322 11.07 35.06 -17.80
CA ALA A 322 10.20 33.96 -18.26
C ALA A 322 10.57 33.51 -19.67
N LEU A 323 10.57 32.21 -19.90
CA LEU A 323 10.61 31.61 -21.22
C LEU A 323 9.25 31.05 -21.50
N LEU A 324 8.70 31.33 -22.67
CA LEU A 324 7.49 30.67 -23.12
C LEU A 324 7.84 29.85 -24.37
N ILE A 325 7.74 28.54 -24.24
CA ILE A 325 8.11 27.60 -25.29
C ILE A 325 6.85 27.04 -25.90
N ASP A 326 6.77 26.94 -27.22
CA ASP A 326 5.65 26.30 -27.89
C ASP A 326 6.17 25.41 -29.01
N ILE A 327 5.71 24.17 -29.02
CA ILE A 327 6.21 23.18 -29.96
C ILE A 327 5.67 23.45 -31.37
N ASP A 328 6.55 23.31 -32.36
CA ASP A 328 6.21 23.61 -33.73
C ASP A 328 5.48 22.44 -34.39
N PHE A 329 4.46 22.75 -35.18
CA PHE A 329 3.75 21.76 -35.99
C PHE A 329 3.20 20.57 -35.18
N PHE A 330 2.87 20.84 -33.94
CA PHE A 330 2.41 19.81 -33.05
C PHE A 330 1.13 19.19 -33.56
N LYS A 331 0.29 19.97 -34.23
CA LYS A 331 -0.94 19.44 -34.83
C LYS A 331 -0.64 18.39 -35.90
N LYS A 332 0.41 18.64 -36.70
CA LYS A 332 0.86 17.66 -37.69
C LYS A 332 1.23 16.32 -37.02
N ILE A 333 1.83 16.38 -35.84
CA ILE A 333 2.20 15.14 -35.16
C ILE A 333 0.98 14.34 -34.75
N ASN A 334 0.00 15.00 -34.14
CA ASN A 334 -1.22 14.29 -33.77
C ASN A 334 -1.90 13.69 -35.00
N ASP A 335 -1.92 14.44 -36.10
CA ASP A 335 -2.66 14.03 -37.30
C ASP A 335 -1.97 12.98 -38.18
N THR A 336 -0.66 12.88 -38.09
CA THR A 336 0.09 11.88 -38.85
C THR A 336 0.29 10.60 -38.06
N PHE A 337 0.60 10.72 -36.77
CA PHE A 337 1.03 9.57 -35.95
C PHE A 337 0.08 9.17 -34.80
N GLY A 338 -0.92 10.01 -34.51
CA GLY A 338 -1.89 9.72 -33.43
C GLY A 338 -1.50 10.28 -32.06
N HIS A 339 -2.48 10.44 -31.18
CA HIS A 339 -2.25 11.05 -29.86
C HIS A 339 -1.37 10.26 -28.91
N ASP A 340 -1.30 8.93 -29.05
CA ASP A 340 -0.35 8.15 -28.26
C ASP A 340 1.08 8.67 -28.43
N ILE A 341 1.44 8.97 -29.68
CA ILE A 341 2.77 9.47 -30.01
C ILE A 341 2.93 10.94 -29.65
N GLY A 342 1.88 11.74 -29.82
CA GLY A 342 1.89 13.13 -29.37
C GLY A 342 2.23 13.22 -27.90
N ASP A 343 1.70 12.30 -27.10
CA ASP A 343 1.95 12.27 -25.67
C ASP A 343 3.36 11.82 -25.35
N GLU A 344 3.87 10.84 -26.12
CA GLU A 344 5.26 10.40 -25.98
C GLU A 344 6.25 11.54 -26.17
N VAL A 345 5.91 12.44 -27.09
CA VAL A 345 6.76 13.59 -27.36
C VAL A 345 6.70 14.60 -26.24
N LEU A 346 5.50 14.89 -25.75
CA LEU A 346 5.35 15.81 -24.62
C LEU A 346 6.09 15.31 -23.38
N ARG A 347 5.95 14.04 -23.06
CA ARG A 347 6.61 13.48 -21.89
C ARG A 347 8.10 13.61 -22.00
N GLU A 348 8.64 13.21 -23.14
CA GLU A 348 10.09 13.30 -23.34
C GLU A 348 10.58 14.75 -23.34
N PHE A 349 9.82 15.64 -23.96
CA PHE A 349 10.23 17.02 -23.98
C PHE A 349 10.37 17.58 -22.57
N ALA A 350 9.43 17.22 -21.70
CA ALA A 350 9.48 17.57 -20.28
C ALA A 350 10.75 17.08 -19.59
N LEU A 351 11.18 15.86 -19.90
CA LEU A 351 12.43 15.27 -19.36
C LEU A 351 13.67 16.04 -19.80
N ARG A 352 13.73 16.36 -21.07
CA ARG A 352 14.84 17.16 -21.59
C ARG A 352 14.88 18.60 -21.08
N LEU A 353 13.72 19.19 -20.82
CA LEU A 353 13.67 20.53 -20.25
C LEU A 353 14.15 20.53 -18.78
N ALA A 354 13.48 19.72 -17.98
CA ALA A 354 13.76 19.59 -16.55
C ALA A 354 15.26 19.43 -16.27
N SER A 355 15.94 18.64 -17.11
CA SER A 355 17.32 18.29 -16.84
C SER A 355 18.39 19.17 -17.48
N ASN A 356 17.99 20.23 -18.19
CA ASN A 356 18.95 21.15 -18.83
C ASN A 356 18.84 22.56 -18.25
N VAL A 357 18.24 22.63 -17.06
CA VAL A 357 17.89 23.87 -16.41
C VAL A 357 18.20 23.67 -14.91
N ARG A 358 18.46 24.73 -14.16
CA ARG A 358 18.85 24.54 -12.76
C ARG A 358 17.68 24.19 -11.85
N ALA A 359 17.98 23.58 -10.71
CA ALA A 359 16.95 23.25 -9.72
C ALA A 359 16.09 24.44 -9.31
N ILE A 360 16.74 25.59 -9.15
CA ILE A 360 16.08 26.81 -8.67
C ILE A 360 15.07 27.33 -9.68
N ASP A 361 15.11 26.84 -10.91
CA ASP A 361 14.15 27.26 -11.91
C ASP A 361 12.87 26.49 -11.84
N LEU A 362 11.80 27.14 -12.26
CA LEU A 362 10.46 26.57 -12.20
C LEU A 362 9.93 26.23 -13.61
N PRO A 363 10.15 25.02 -14.08
CA PRO A 363 9.61 24.66 -15.38
C PRO A 363 8.20 24.16 -15.22
N CYS A 364 7.30 24.52 -16.12
CA CYS A 364 5.92 24.14 -15.94
C CYS A 364 5.05 24.00 -17.21
N ARG A 365 3.96 23.25 -17.06
CA ARG A 365 3.03 23.01 -18.14
C ARG A 365 2.04 24.13 -18.11
N TYR A 366 1.94 24.84 -19.22
CA TYR A 366 1.20 26.08 -19.28
C TYR A 366 -0.07 25.91 -20.10
N GLY A 367 0.03 25.20 -21.21
CA GLY A 367 -1.14 24.86 -22.03
C GLY A 367 -1.00 23.49 -22.68
N GLY A 368 -1.87 23.18 -23.63
CA GLY A 368 -1.76 21.95 -24.40
C GLY A 368 -0.32 21.66 -24.87
N GLU A 369 0.22 22.56 -25.69
CA GLU A 369 1.52 22.36 -26.29
C GLU A 369 2.52 23.43 -25.83
N GLU A 370 2.15 24.22 -24.83
CA GLU A 370 2.97 25.34 -24.36
C GLU A 370 3.58 25.04 -23.00
N PHE A 371 4.84 25.45 -22.83
CA PHE A 371 5.55 25.33 -21.57
C PHE A 371 6.08 26.70 -21.17
N VAL A 372 6.19 26.92 -19.86
CA VAL A 372 6.85 28.11 -19.34
C VAL A 372 7.94 27.74 -18.35
N VAL A 373 9.09 28.40 -18.45
CA VAL A 373 10.13 28.31 -17.43
C VAL A 373 10.31 29.65 -16.78
N ILE A 374 10.10 29.72 -15.46
CA ILE A 374 10.43 30.92 -14.68
C ILE A 374 11.83 30.82 -14.07
N MET A 375 12.62 31.87 -14.27
CA MET A 375 13.99 31.95 -13.80
C MET A 375 14.23 33.08 -12.79
N PRO A 376 14.25 32.77 -11.50
CA PRO A 376 14.51 33.82 -10.53
C PRO A 376 15.90 34.38 -10.65
N ASP A 377 16.04 35.63 -10.25
CA ASP A 377 17.33 36.31 -10.19
C ASP A 377 18.06 36.19 -11.52
N THR A 378 17.37 36.52 -12.60
CA THR A 378 17.88 36.37 -13.95
C THR A 378 17.34 37.50 -14.84
N ALA A 379 18.24 38.05 -15.66
CA ALA A 379 17.94 39.20 -16.49
C ALA A 379 17.79 38.78 -17.95
N LEU A 380 17.34 39.69 -18.80
CA LEU A 380 17.04 39.36 -20.21
C LEU A 380 18.16 38.63 -20.94
N ALA A 381 19.39 39.12 -20.85
CA ALA A 381 20.51 38.57 -21.64
C ALA A 381 20.79 37.11 -21.30
N ASP A 382 20.89 36.81 -20.02
CA ASP A 382 21.17 35.47 -19.60
C ASP A 382 20.03 34.54 -19.99
N ALA A 383 18.80 35.06 -19.96
CA ALA A 383 17.64 34.27 -20.36
C ALA A 383 17.69 33.87 -21.84
N LEU A 384 18.10 34.79 -22.70
CA LEU A 384 18.32 34.47 -24.12
C LEU A 384 19.37 33.32 -24.27
N ARG A 385 20.45 33.38 -23.53
CA ARG A 385 21.41 32.27 -23.52
C ARG A 385 20.74 30.94 -23.17
N ILE A 386 19.94 30.94 -22.12
CA ILE A 386 19.29 29.73 -21.66
C ILE A 386 18.32 29.19 -22.70
N ALA A 387 17.60 30.09 -23.35
CA ALA A 387 16.60 29.72 -24.34
C ALA A 387 17.28 29.03 -25.53
N GLU A 388 18.40 29.58 -25.96
CA GLU A 388 19.15 29.01 -27.06
C GLU A 388 19.68 27.58 -26.75
N ARG A 389 20.20 27.43 -25.56
CA ARG A 389 20.69 26.16 -25.13
C ARG A 389 19.59 25.11 -25.17
N ILE A 390 18.47 25.40 -24.52
CA ILE A 390 17.34 24.51 -24.53
C ILE A 390 16.90 24.13 -25.97
N ARG A 391 16.79 25.15 -26.82
CA ARG A 391 16.36 24.95 -28.21
C ARG A 391 17.19 23.91 -28.97
N MET A 392 18.50 24.01 -28.83
CA MET A 392 19.39 23.07 -29.48
C MET A 392 19.34 21.68 -28.85
N HIS A 393 19.04 21.57 -27.57
CA HIS A 393 18.84 20.24 -27.01
C HIS A 393 17.64 19.55 -27.64
N VAL A 394 16.58 20.27 -27.99
CA VAL A 394 15.43 19.58 -28.58
C VAL A 394 15.70 19.26 -30.06
N SER A 395 16.24 20.20 -30.83
CA SER A 395 16.44 19.94 -32.26
C SER A 395 17.71 19.17 -32.60
N GLY A 396 18.71 19.20 -31.73
CA GLY A 396 19.98 18.53 -32.01
C GLY A 396 19.90 17.01 -32.04
N SER A 397 18.75 16.47 -31.67
CA SER A 397 18.63 15.05 -31.42
C SER A 397 17.18 14.65 -31.64
N PRO A 398 16.92 13.55 -32.36
CA PRO A 398 15.57 13.11 -32.60
C PRO A 398 14.93 12.42 -31.39
N PHE A 399 13.60 12.34 -31.40
CA PHE A 399 12.79 11.79 -30.29
C PHE A 399 12.41 10.34 -30.52
N THR A 400 12.52 9.50 -29.50
CA THR A 400 12.03 8.09 -29.58
C THR A 400 10.51 8.08 -29.51
N VAL A 401 9.90 7.16 -30.23
CA VAL A 401 8.46 7.21 -30.39
C VAL A 401 7.97 5.83 -30.80
N ALA A 402 6.67 5.60 -30.67
CA ALA A 402 6.04 4.30 -30.99
C ALA A 402 6.69 3.22 -30.13
N HIS A 403 6.74 3.49 -28.82
CA HIS A 403 7.63 2.78 -27.88
C HIS A 403 8.79 2.06 -28.60
N GLY A 404 9.84 2.84 -28.88
CA GLY A 404 11.10 2.31 -29.38
C GLY A 404 11.30 2.18 -30.89
N ARG A 405 10.21 2.05 -31.66
CA ARG A 405 10.32 1.75 -33.09
C ARG A 405 10.76 2.90 -34.00
N GLU A 406 10.33 4.13 -33.70
CA GLU A 406 10.36 5.22 -34.69
C GLU A 406 10.97 6.52 -34.17
N MET A 407 11.64 7.25 -35.05
CA MET A 407 12.35 8.46 -34.64
C MET A 407 11.78 9.69 -35.29
N LEU A 408 11.56 10.72 -34.47
CA LEU A 408 10.88 11.90 -34.90
C LEU A 408 11.74 13.12 -34.64
N ASN A 409 11.70 14.09 -35.55
CA ASN A 409 12.36 15.36 -35.37
C ASN A 409 11.36 16.36 -34.85
N VAL A 410 11.74 17.13 -33.83
CA VAL A 410 10.84 18.09 -33.22
C VAL A 410 11.58 19.39 -32.99
N THR A 411 10.92 20.51 -33.25
CA THR A 411 11.55 21.80 -32.96
C THR A 411 10.60 22.69 -32.17
N ILE A 412 11.15 23.63 -31.42
CA ILE A 412 10.36 24.55 -30.62
C ILE A 412 10.63 26.01 -30.99
N SER A 413 9.70 26.89 -30.67
CA SER A 413 9.94 28.35 -30.77
C SER A 413 9.81 28.91 -29.37
N ILE A 414 10.64 29.88 -29.02
CA ILE A 414 10.68 30.41 -27.66
C ILE A 414 10.60 31.95 -27.64
N GLY A 415 9.74 32.48 -26.77
CA GLY A 415 9.70 33.90 -26.44
C GLY A 415 10.30 34.15 -25.06
N VAL A 416 11.04 35.23 -24.92
CA VAL A 416 11.78 35.54 -23.69
C VAL A 416 11.47 36.94 -23.18
N SER A 417 11.48 37.07 -21.86
CA SER A 417 10.89 38.21 -21.19
C SER A 417 11.55 38.40 -19.82
N ALA A 418 11.62 39.63 -19.33
CA ALA A 418 12.21 39.88 -17.99
C ALA A 418 11.59 41.08 -17.29
N THR A 419 11.57 41.08 -15.97
CA THR A 419 10.97 42.19 -15.24
C THR A 419 11.71 43.49 -15.52
N ALA A 420 11.01 44.61 -15.47
CA ALA A 420 11.58 45.90 -15.83
C ALA A 420 10.83 47.03 -15.16
N GLY A 421 11.41 47.66 -14.14
CA GLY A 421 10.75 48.81 -13.51
C GLY A 421 9.67 48.50 -12.49
N GLU A 422 9.27 49.55 -11.75
CA GLU A 422 8.29 49.47 -10.67
C GLU A 422 6.90 49.11 -11.17
N GLY A 423 6.56 49.57 -12.38
CA GLY A 423 5.20 49.47 -12.88
C GLY A 423 4.85 48.15 -13.53
N ASP A 424 5.79 47.19 -13.53
CA ASP A 424 5.55 45.92 -14.20
C ASP A 424 4.65 44.97 -13.40
N THR A 425 4.08 43.99 -14.10
CA THR A 425 3.13 43.04 -13.54
C THR A 425 3.32 41.70 -14.22
N PRO A 426 2.95 40.60 -13.55
CA PRO A 426 3.09 39.27 -14.15
C PRO A 426 2.34 39.12 -15.45
N GLU A 427 1.13 39.66 -15.54
CA GLU A 427 0.40 39.54 -16.80
C GLU A 427 1.10 40.28 -17.96
N ALA A 428 1.68 41.46 -17.67
CA ALA A 428 2.52 42.17 -18.65
C ALA A 428 3.74 41.36 -19.07
N LEU A 429 4.37 40.71 -18.11
CA LEU A 429 5.58 39.94 -18.37
C LEU A 429 5.24 38.79 -19.32
N LEU A 430 4.18 38.04 -19.01
CA LEU A 430 3.82 36.92 -19.85
C LEU A 430 3.40 37.42 -21.22
N LYS A 431 2.72 38.56 -21.27
CA LYS A 431 2.25 39.09 -22.55
C LYS A 431 3.39 39.47 -23.48
N ARG A 432 4.47 39.97 -22.93
CA ARG A 432 5.67 40.21 -23.74
C ARG A 432 6.28 38.91 -24.29
N ALA A 433 6.26 37.85 -23.46
CA ALA A 433 6.75 36.54 -23.88
C ALA A 433 5.93 36.02 -25.06
N ASP A 434 4.60 36.21 -25.03
CA ASP A 434 3.72 35.82 -26.16
C ASP A 434 4.10 36.54 -27.45
N GLU A 435 4.34 37.84 -27.37
CA GLU A 435 4.79 38.59 -28.54
C GLU A 435 6.08 38.03 -29.10
N GLY A 436 6.97 37.58 -28.21
CA GLY A 436 8.19 36.88 -28.66
C GLY A 436 7.87 35.66 -29.51
N VAL A 437 7.14 34.73 -28.92
CA VAL A 437 6.69 33.51 -29.57
C VAL A 437 6.09 33.81 -30.94
N TYR A 438 5.19 34.78 -30.98
CA TYR A 438 4.55 35.12 -32.22
C TYR A 438 5.59 35.55 -33.24
N GLN A 439 6.56 36.37 -32.86
CA GLN A 439 7.62 36.72 -33.81
C GLN A 439 8.46 35.50 -34.24
N ALA A 440 8.93 34.72 -33.27
CA ALA A 440 9.69 33.50 -33.55
C ALA A 440 9.04 32.64 -34.62
N LYS A 441 7.75 32.38 -34.45
CA LYS A 441 7.01 31.59 -35.44
C LYS A 441 6.90 32.28 -36.80
N ALA A 442 6.59 33.58 -36.85
CA ALA A 442 6.57 34.33 -38.12
C ALA A 442 7.93 34.33 -38.83
N SER A 443 9.02 34.37 -38.06
CA SER A 443 10.36 34.39 -38.65
C SER A 443 10.76 33.04 -39.29
N GLY A 444 9.98 32.00 -39.07
CA GLY A 444 10.24 30.69 -39.68
C GLY A 444 10.41 29.53 -38.70
N ARG A 445 10.00 29.71 -37.45
CA ARG A 445 10.07 28.64 -36.41
C ARG A 445 11.49 28.19 -36.08
N ASN A 446 11.62 27.31 -35.09
CA ASN A 446 12.94 26.91 -34.57
C ASN A 446 13.82 28.18 -34.28
N ALA A 447 13.28 29.07 -33.44
CA ALA A 447 13.88 30.37 -33.18
C ALA A 447 13.56 30.87 -31.76
N VAL A 448 14.41 31.78 -31.28
CA VAL A 448 14.24 32.46 -30.00
C VAL A 448 14.07 33.96 -30.24
N VAL A 449 13.08 34.60 -29.63
CA VAL A 449 12.95 36.04 -29.77
C VAL A 449 12.63 36.68 -28.44
N GLY A 450 13.50 37.57 -27.95
CA GLY A 450 13.30 38.27 -26.68
C GLY A 450 12.57 39.59 -26.90
N LYS A 451 11.90 40.06 -25.86
CA LYS A 451 11.06 41.28 -25.92
C LYS A 451 11.23 42.17 -24.67
N ALA A 452 11.86 43.32 -24.83
CA ALA A 452 12.02 44.31 -23.75
C ALA A 452 10.78 45.19 -23.60
N ALA A 453 10.54 45.72 -22.40
CA ALA A 453 9.41 46.64 -22.20
C ALA A 453 9.77 48.05 -22.69
N HIS A 454 8.76 48.80 -23.13
CA HIS A 454 8.97 50.13 -23.67
C HIS A 454 7.87 51.08 -23.26
N HIS A 455 8.23 52.34 -23.04
CA HIS A 455 7.26 53.41 -22.83
C HIS A 455 7.27 54.42 -23.96
N HIS A 456 6.15 55.09 -24.15
CA HIS A 456 6.04 56.12 -25.18
C HIS A 456 6.82 57.37 -24.81
N HIS A 457 7.27 58.10 -25.84
CA HIS A 457 7.97 59.37 -25.70
C HIS A 457 7.43 60.35 -24.63
N HIS A 458 6.12 60.37 -24.41
CA HIS A 458 5.56 61.22 -23.38
C HIS A 458 4.64 60.42 -22.47
N HIS A 459 5.09 59.20 -22.11
CA HIS A 459 4.21 58.10 -21.63
C HIS A 459 3.11 58.40 -20.58
N SER B 1 -18.47 -16.87 1.27
CA SER B 1 -17.05 -16.40 1.36
C SER B 1 -16.39 -16.25 -0.01
N ALA B 2 -17.01 -16.82 -1.03
CA ALA B 2 -16.51 -16.70 -2.40
C ALA B 2 -17.64 -16.92 -3.36
N ARG B 3 -17.62 -16.20 -4.47
CA ARG B 3 -18.54 -16.44 -5.57
C ARG B 3 -17.91 -17.42 -6.54
N ILE B 4 -18.57 -18.56 -6.77
CA ILE B 4 -18.05 -19.61 -7.62
C ILE B 4 -19.00 -19.83 -8.77
N LEU B 5 -18.48 -19.73 -9.99
CA LEU B 5 -19.25 -20.07 -11.19
C LEU B 5 -18.96 -21.52 -11.60
N VAL B 6 -20.03 -22.31 -11.74
CA VAL B 6 -19.96 -23.72 -12.15
C VAL B 6 -20.56 -23.93 -13.56
N VAL B 7 -19.80 -24.60 -14.43
CA VAL B 7 -20.19 -24.79 -15.83
C VAL B 7 -20.15 -26.28 -16.26
N ASP B 8 -21.28 -26.79 -16.73
CA ASP B 8 -21.37 -28.18 -17.20
C ASP B 8 -22.63 -28.33 -18.02
N ASP B 9 -22.54 -29.14 -19.08
CA ASP B 9 -23.66 -29.36 -19.98
C ASP B 9 -24.73 -30.31 -19.42
N ILE B 10 -24.48 -30.95 -18.27
CA ILE B 10 -25.45 -31.88 -17.68
C ILE B 10 -25.99 -31.37 -16.34
N GLU B 11 -27.28 -31.05 -16.31
CA GLU B 11 -27.98 -30.51 -15.13
C GLU B 11 -27.64 -31.25 -13.84
N ALA B 12 -27.66 -32.57 -13.86
CA ALA B 12 -27.30 -33.37 -12.68
C ALA B 12 -25.96 -32.95 -12.08
N ASN B 13 -24.94 -32.81 -12.92
CA ASN B 13 -23.61 -32.39 -12.50
C ASN B 13 -23.60 -31.00 -11.86
N VAL B 14 -24.27 -30.07 -12.53
CA VAL B 14 -24.31 -28.69 -12.04
C VAL B 14 -24.94 -28.63 -10.65
N ARG B 15 -26.09 -29.28 -10.44
CA ARG B 15 -26.74 -29.12 -9.14
C ARG B 15 -26.12 -29.98 -8.05
N LEU B 16 -25.48 -31.10 -8.38
CA LEU B 16 -24.79 -31.87 -7.35
C LEU B 16 -23.65 -31.05 -6.76
N LEU B 17 -22.81 -30.51 -7.63
CA LEU B 17 -21.72 -29.65 -7.21
C LEU B 17 -22.25 -28.44 -6.45
N GLU B 18 -23.29 -27.83 -6.98
CA GLU B 18 -23.91 -26.68 -6.34
C GLU B 18 -24.31 -26.97 -4.90
N ALA B 19 -24.93 -28.11 -4.62
CA ALA B 19 -25.36 -28.42 -3.25
C ALA B 19 -24.16 -28.60 -2.31
N LYS B 20 -23.10 -29.24 -2.81
CA LYS B 20 -21.89 -29.38 -2.02
C LYS B 20 -21.26 -28.05 -1.62
N LEU B 21 -21.20 -27.12 -2.58
CA LEU B 21 -20.53 -25.84 -2.33
C LEU B 21 -21.38 -24.90 -1.47
N THR B 22 -22.69 -24.85 -1.69
CA THR B 22 -23.54 -24.04 -0.81
C THR B 22 -23.62 -24.63 0.59
N ALA B 23 -23.45 -25.95 0.75
CA ALA B 23 -23.35 -26.52 2.08
C ALA B 23 -22.08 -26.04 2.84
N GLU B 24 -21.02 -25.69 2.11
CA GLU B 24 -19.86 -25.04 2.74
C GLU B 24 -19.96 -23.50 2.74
N TYR B 25 -21.17 -22.99 2.51
CA TYR B 25 -21.46 -21.55 2.57
C TYR B 25 -20.82 -20.70 1.47
N TYR B 26 -20.76 -21.22 0.24
CA TYR B 26 -20.32 -20.42 -0.92
C TYR B 26 -21.51 -19.94 -1.73
N GLU B 27 -21.34 -18.82 -2.42
CA GLU B 27 -22.36 -18.30 -3.35
C GLU B 27 -22.13 -18.80 -4.77
N VAL B 28 -22.99 -19.72 -5.20
CA VAL B 28 -22.82 -20.41 -6.48
C VAL B 28 -23.79 -19.88 -7.54
N SER B 29 -23.30 -19.72 -8.76
CA SER B 29 -24.13 -19.44 -9.93
C SER B 29 -23.75 -20.43 -11.02
N THR B 30 -24.60 -20.57 -12.02
CA THR B 30 -24.42 -21.64 -13.01
C THR B 30 -24.57 -21.24 -14.48
N ALA B 31 -23.86 -21.95 -15.33
CA ALA B 31 -23.99 -21.81 -16.77
C ALA B 31 -24.01 -23.19 -17.40
N MET B 32 -24.66 -23.30 -18.56
CA MET B 32 -24.87 -24.61 -19.18
C MET B 32 -24.05 -24.84 -20.47
N ASP B 33 -23.21 -23.88 -20.87
CA ASP B 33 -22.36 -24.00 -22.07
C ASP B 33 -21.30 -22.88 -22.12
N GLY B 34 -20.44 -22.90 -23.14
CA GLY B 34 -19.34 -21.93 -23.28
C GLY B 34 -19.77 -20.48 -23.37
N PRO B 35 -20.53 -20.14 -24.42
CA PRO B 35 -21.02 -18.77 -24.63
C PRO B 35 -21.61 -18.11 -23.38
N THR B 36 -22.57 -18.79 -22.75
CA THR B 36 -23.16 -18.29 -21.51
C THR B 36 -22.08 -18.02 -20.51
N ALA B 37 -21.25 -19.03 -20.26
CA ALA B 37 -20.19 -18.96 -19.27
C ALA B 37 -19.35 -17.69 -19.41
N LEU B 38 -18.91 -17.39 -20.64
CA LEU B 38 -18.03 -16.27 -20.87
C LEU B 38 -18.74 -14.95 -20.59
N ALA B 39 -20.03 -14.90 -20.93
CA ALA B 39 -20.86 -13.71 -20.62
C ALA B 39 -20.93 -13.44 -19.10
N MET B 40 -21.21 -14.48 -18.32
CA MET B 40 -21.34 -14.34 -16.88
C MET B 40 -20.03 -13.92 -16.23
N ALA B 41 -18.93 -14.51 -16.68
CA ALA B 41 -17.62 -14.19 -16.11
C ALA B 41 -17.29 -12.71 -16.33
N ALA B 42 -17.49 -12.23 -17.55
CA ALA B 42 -17.18 -10.83 -17.89
C ALA B 42 -18.02 -9.84 -17.06
N ARG B 43 -19.28 -10.18 -16.87
CA ARG B 43 -20.22 -9.36 -16.14
C ARG B 43 -20.03 -9.42 -14.61
N ASP B 44 -19.93 -10.63 -14.06
CA ASP B 44 -20.03 -10.84 -12.60
C ASP B 44 -18.71 -10.99 -11.84
N LEU B 45 -17.62 -11.22 -12.57
CA LEU B 45 -16.28 -11.36 -11.95
C LEU B 45 -16.27 -12.26 -10.71
N PRO B 46 -16.59 -13.54 -10.88
CA PRO B 46 -16.51 -14.50 -9.78
C PRO B 46 -15.09 -14.76 -9.28
N ASP B 47 -15.00 -15.36 -8.10
CA ASP B 47 -13.73 -15.62 -7.47
C ASP B 47 -13.04 -16.87 -8.04
N ILE B 48 -13.84 -17.86 -8.44
CA ILE B 48 -13.32 -19.11 -9.01
C ILE B 48 -14.26 -19.62 -10.09
N ILE B 49 -13.72 -20.32 -11.09
CA ILE B 49 -14.54 -21.00 -12.09
C ILE B 49 -14.25 -22.49 -12.15
N LEU B 50 -15.27 -23.30 -11.92
CA LEU B 50 -15.19 -24.75 -12.10
C LEU B 50 -15.83 -25.12 -13.45
N LEU B 51 -15.12 -25.88 -14.30
CA LEU B 51 -15.41 -25.96 -15.75
C LEU B 51 -15.34 -27.39 -16.35
N ASP B 52 -16.45 -27.86 -16.94
CA ASP B 52 -16.44 -29.10 -17.72
C ASP B 52 -15.59 -28.85 -18.95
N VAL B 53 -15.05 -29.89 -19.56
CA VAL B 53 -14.34 -29.76 -20.83
C VAL B 53 -15.25 -30.15 -21.99
N MET B 54 -15.83 -31.35 -21.93
CA MET B 54 -16.64 -31.83 -23.05
C MET B 54 -18.06 -31.30 -23.05
N MET B 55 -18.34 -30.41 -24.00
CA MET B 55 -19.62 -29.74 -24.12
C MET B 55 -19.97 -29.53 -25.60
N PRO B 56 -21.26 -29.63 -25.95
CA PRO B 56 -21.65 -29.38 -27.34
C PRO B 56 -21.37 -27.94 -27.73
N GLY B 57 -20.78 -27.74 -28.89
CA GLY B 57 -20.25 -26.45 -29.27
C GLY B 57 -18.91 -26.18 -28.58
N MET B 58 -18.66 -24.91 -28.28
CA MET B 58 -17.44 -24.47 -27.64
C MET B 58 -17.10 -25.34 -26.43
N ASP B 59 -15.89 -25.90 -26.42
CA ASP B 59 -15.48 -26.79 -25.32
C ASP B 59 -14.61 -26.07 -24.27
N GLY B 60 -14.24 -26.81 -23.23
CA GLY B 60 -13.65 -26.22 -22.04
C GLY B 60 -12.26 -25.66 -22.20
N PHE B 61 -11.47 -26.24 -23.10
CA PHE B 61 -10.14 -25.72 -23.38
C PHE B 61 -10.23 -24.35 -24.01
N THR B 62 -11.13 -24.20 -24.99
CA THR B 62 -11.36 -22.91 -25.66
C THR B 62 -11.85 -21.83 -24.69
N VAL B 63 -12.92 -22.17 -23.96
CA VAL B 63 -13.48 -21.29 -22.94
C VAL B 63 -12.37 -20.78 -22.04
N CYS B 64 -11.55 -21.72 -21.58
CA CYS B 64 -10.41 -21.42 -20.78
C CYS B 64 -9.40 -20.49 -21.45
N ARG B 65 -9.10 -20.73 -22.71
CA ARG B 65 -8.16 -19.88 -23.45
C ARG B 65 -8.66 -18.46 -23.58
N LYS B 66 -9.96 -18.30 -23.79
CA LYS B 66 -10.59 -16.99 -23.91
C LYS B 66 -10.62 -16.21 -22.57
N LEU B 67 -10.99 -16.88 -21.48
CA LEU B 67 -10.94 -16.26 -20.17
C LEU B 67 -9.57 -15.64 -19.87
N LYS B 68 -8.49 -16.34 -20.25
CA LYS B 68 -7.13 -15.85 -19.99
C LYS B 68 -6.66 -14.80 -20.99
N ASP B 69 -7.38 -14.68 -22.10
CA ASP B 69 -7.01 -13.73 -23.14
C ASP B 69 -7.74 -12.39 -22.97
N ASP B 70 -8.74 -12.33 -22.09
CA ASP B 70 -9.36 -11.04 -21.74
C ASP B 70 -8.76 -10.54 -20.42
N PRO B 71 -8.27 -9.28 -20.40
CA PRO B 71 -7.76 -8.67 -19.16
C PRO B 71 -8.75 -8.56 -17.99
N THR B 72 -10.04 -8.29 -18.28
CA THR B 72 -11.09 -8.32 -17.25
C THR B 72 -11.14 -9.65 -16.42
N THR B 73 -10.83 -10.77 -17.08
CA THR B 73 -11.02 -12.11 -16.51
C THR B 73 -9.73 -12.95 -16.36
N ARG B 74 -8.65 -12.52 -17.01
CA ARG B 74 -7.35 -13.20 -16.95
C ARG B 74 -6.95 -13.66 -15.53
N HIS B 75 -7.31 -12.88 -14.53
CA HIS B 75 -6.88 -13.10 -13.14
C HIS B 75 -7.63 -14.22 -12.37
N ILE B 76 -8.76 -14.67 -12.91
CA ILE B 76 -9.62 -15.60 -12.17
C ILE B 76 -9.10 -17.04 -12.29
N PRO B 77 -8.83 -17.70 -11.16
CA PRO B 77 -8.46 -19.11 -11.25
C PRO B 77 -9.54 -20.01 -11.87
N VAL B 78 -9.14 -20.83 -12.85
CA VAL B 78 -10.01 -21.80 -13.48
C VAL B 78 -9.59 -23.22 -13.10
N VAL B 79 -10.54 -24.02 -12.64
CA VAL B 79 -10.28 -25.42 -12.33
C VAL B 79 -11.10 -26.29 -13.28
N LEU B 80 -10.43 -27.08 -14.13
CA LEU B 80 -11.16 -27.99 -15.03
C LEU B 80 -11.54 -29.28 -14.30
N ILE B 81 -12.81 -29.67 -14.42
CA ILE B 81 -13.33 -30.88 -13.80
C ILE B 81 -14.02 -31.70 -14.87
N THR B 82 -13.51 -32.89 -15.16
CA THR B 82 -13.87 -33.59 -16.38
C THR B 82 -13.82 -35.11 -16.27
N ALA B 83 -14.51 -35.79 -17.18
CA ALA B 83 -14.47 -37.26 -17.23
C ALA B 83 -13.20 -37.81 -17.91
N LEU B 84 -12.54 -36.97 -18.71
CA LEU B 84 -11.29 -37.35 -19.40
C LEU B 84 -10.17 -37.60 -18.40
N ASP B 85 -9.26 -38.50 -18.77
CA ASP B 85 -8.14 -38.84 -17.89
C ASP B 85 -6.85 -39.23 -18.62
N GLY B 86 -6.76 -38.99 -19.90
CA GLY B 86 -5.49 -39.16 -20.61
C GLY B 86 -4.48 -38.10 -20.22
N ARG B 87 -3.22 -38.50 -20.20
CA ARG B 87 -2.12 -37.59 -20.00
C ARG B 87 -2.19 -36.48 -21.03
N GLY B 88 -2.45 -36.84 -22.28
CA GLY B 88 -2.62 -35.87 -23.35
C GLY B 88 -3.52 -34.70 -22.99
N ASP B 89 -4.72 -35.01 -22.52
CA ASP B 89 -5.72 -33.99 -22.19
C ASP B 89 -5.45 -33.29 -20.86
N ARG B 90 -4.81 -33.98 -19.94
CA ARG B 90 -4.29 -33.32 -18.77
C ARG B 90 -3.39 -32.16 -19.19
N ILE B 91 -2.44 -32.43 -20.07
CA ILE B 91 -1.45 -31.44 -20.42
C ILE B 91 -2.02 -30.32 -21.27
N GLN B 92 -2.97 -30.65 -22.13
CA GLN B 92 -3.64 -29.61 -22.88
C GLN B 92 -4.38 -28.60 -22.01
N GLY B 93 -4.98 -29.08 -20.92
CA GLY B 93 -5.69 -28.22 -19.98
C GLY B 93 -4.81 -27.29 -19.19
N LEU B 94 -3.70 -27.81 -18.69
CA LEU B 94 -2.74 -26.99 -17.97
C LEU B 94 -2.05 -26.01 -18.91
N GLU B 95 -1.75 -26.42 -20.14
CA GLU B 95 -1.12 -25.51 -21.10
C GLU B 95 -2.05 -24.38 -21.52
N SER B 96 -3.36 -24.60 -21.48
CA SER B 96 -4.33 -23.53 -21.78
C SER B 96 -4.61 -22.57 -20.60
N GLY B 97 -4.01 -22.84 -19.43
CA GLY B 97 -3.94 -21.86 -18.34
C GLY B 97 -4.66 -22.21 -17.05
N ALA B 98 -5.17 -23.43 -16.93
CA ALA B 98 -5.94 -23.82 -15.75
C ALA B 98 -5.00 -24.03 -14.58
N SER B 99 -5.47 -23.68 -13.39
CA SER B 99 -4.75 -23.96 -12.13
C SER B 99 -4.71 -25.46 -11.85
N ASP B 100 -5.83 -26.15 -11.99
CA ASP B 100 -5.82 -27.58 -11.77
C ASP B 100 -6.74 -28.31 -12.73
N PHE B 101 -6.56 -29.61 -12.77
CA PHE B 101 -7.27 -30.45 -13.68
C PHE B 101 -7.69 -31.66 -12.90
N LEU B 102 -8.98 -31.80 -12.62
CA LEU B 102 -9.47 -32.89 -11.77
C LEU B 102 -10.30 -33.87 -12.61
N THR B 103 -10.12 -35.18 -12.42
CA THR B 103 -10.89 -36.19 -13.19
C THR B 103 -12.02 -36.80 -12.39
N LYS B 104 -13.25 -36.72 -12.90
CA LYS B 104 -14.42 -37.32 -12.26
C LYS B 104 -14.25 -38.83 -11.99
N PRO B 105 -14.70 -39.32 -10.84
CA PRO B 105 -15.32 -38.66 -9.72
C PRO B 105 -14.30 -37.95 -8.84
N ILE B 106 -14.62 -36.73 -8.43
CA ILE B 106 -13.69 -35.90 -7.68
C ILE B 106 -13.69 -36.21 -6.19
N ASP B 107 -12.52 -36.00 -5.58
CA ASP B 107 -12.30 -36.02 -4.13
C ASP B 107 -12.72 -34.70 -3.48
N ASP B 108 -13.84 -34.71 -2.78
CA ASP B 108 -14.40 -33.49 -2.18
C ASP B 108 -13.45 -32.84 -1.18
N VAL B 109 -12.73 -33.66 -0.41
CA VAL B 109 -11.78 -33.15 0.56
C VAL B 109 -10.67 -32.36 -0.15
N MET B 110 -10.22 -32.83 -1.30
CA MET B 110 -9.25 -32.07 -2.08
C MET B 110 -9.87 -30.84 -2.74
N LEU B 111 -11.09 -30.96 -3.26
CA LEU B 111 -11.73 -29.79 -3.88
C LEU B 111 -11.82 -28.62 -2.90
N PHE B 112 -12.27 -28.88 -1.68
CA PHE B 112 -12.43 -27.81 -0.69
C PHE B 112 -11.10 -27.31 -0.20
N ALA B 113 -10.15 -28.21 -0.02
CA ALA B 113 -8.79 -27.78 0.33
C ALA B 113 -8.27 -26.81 -0.73
N ARG B 114 -8.43 -27.20 -1.98
CA ARG B 114 -7.95 -26.39 -3.10
C ARG B 114 -8.65 -25.03 -3.18
N VAL B 115 -9.97 -25.03 -3.03
CA VAL B 115 -10.74 -23.77 -3.08
C VAL B 115 -10.32 -22.85 -1.93
N ARG B 116 -10.24 -23.40 -0.73
CA ARG B 116 -9.78 -22.61 0.41
C ARG B 116 -8.38 -22.04 0.18
N SER B 117 -7.58 -22.71 -0.62
CA SER B 117 -6.24 -22.25 -0.92
C SER B 117 -6.24 -21.11 -1.93
N LEU B 118 -7.02 -21.26 -2.99
CA LEU B 118 -7.10 -20.21 -4.01
C LEU B 118 -7.61 -18.89 -3.44
N THR B 119 -8.67 -18.95 -2.64
CA THR B 119 -9.28 -17.76 -2.06
C THR B 119 -8.28 -17.06 -1.14
N ARG B 120 -7.53 -17.84 -0.38
CA ARG B 120 -6.46 -17.29 0.45
C ARG B 120 -5.45 -16.49 -0.37
N PHE B 121 -5.11 -17.00 -1.56
CA PHE B 121 -4.09 -16.35 -2.41
C PHE B 121 -4.66 -15.12 -3.11
N LYS B 122 -5.94 -15.17 -3.48
CA LYS B 122 -6.58 -14.08 -4.20
C LYS B 122 -6.77 -12.82 -3.32
N LEU B 123 -6.66 -13.00 -2.01
CA LEU B 123 -6.84 -11.90 -1.06
C LEU B 123 -5.89 -10.75 -1.34
N VAL B 124 -4.62 -11.06 -1.54
CA VAL B 124 -3.61 -10.03 -1.76
C VAL B 124 -3.65 -9.43 -3.16
N ILE B 125 -3.87 -10.26 -4.17
CA ILE B 125 -4.04 -9.78 -5.55
C ILE B 125 -5.17 -8.77 -5.60
N ASP B 126 -6.32 -9.15 -5.03
CA ASP B 126 -7.53 -8.31 -5.15
C ASP B 126 -7.38 -6.95 -4.43
N GLU B 127 -6.72 -6.95 -3.28
CA GLU B 127 -6.48 -5.72 -2.57
C GLU B 127 -5.63 -4.77 -3.41
N LEU B 128 -4.62 -5.31 -4.07
CA LEU B 128 -3.72 -4.50 -4.89
C LEU B 128 -4.44 -4.00 -6.13
N ARG B 129 -5.37 -4.78 -6.64
CA ARG B 129 -6.15 -4.35 -7.79
C ARG B 129 -7.05 -3.21 -7.37
N GLN B 130 -7.60 -3.31 -6.17
CA GLN B 130 -8.42 -2.24 -5.61
C GLN B 130 -7.60 -0.99 -5.44
N ARG B 131 -6.38 -1.12 -4.92
CA ARG B 131 -5.45 0.01 -4.70
C ARG B 131 -5.11 0.78 -5.95
N GLU B 132 -4.82 0.06 -7.03
CA GLU B 132 -4.52 0.69 -8.31
C GLU B 132 -5.75 1.42 -8.81
N ALA B 133 -6.86 0.68 -8.95
CA ALA B 133 -8.13 1.21 -9.46
C ALA B 133 -8.56 2.53 -8.81
N SER B 134 -8.03 2.83 -7.62
CA SER B 134 -8.15 4.16 -7.00
C SER B 134 -7.08 5.15 -7.53
N GLY B 135 -6.61 4.88 -8.75
CA GLY B 135 -5.98 5.87 -9.63
C GLY B 135 -6.73 5.75 -10.96
N ARG B 136 -7.72 6.64 -11.15
CA ARG B 136 -8.76 6.46 -12.18
C ARG B 136 -9.70 7.69 -12.23
N ARG B 137 -9.11 8.90 -12.24
CA ARG B 137 -9.87 10.15 -12.25
C ARG B 137 -8.99 11.38 -12.14
N MET B 138 -7.15 9.85 -12.12
CA MET B 138 -5.82 10.44 -12.09
C MET B 138 -5.06 10.17 -13.39
N GLY B 139 -3.99 9.39 -13.30
CA GLY B 139 -3.02 9.32 -14.35
C GLY B 139 -2.09 8.13 -14.15
N VAL B 140 -2.20 7.33 -15.21
CA VAL B 140 -1.45 6.22 -15.43
C VAL B 140 -0.43 6.29 -16.40
N ILE B 141 0.76 6.12 -16.06
CA ILE B 141 1.09 5.73 -17.31
C ILE B 141 1.84 4.48 -17.50
N ALA B 142 2.65 4.93 -18.40
CA ALA B 142 3.66 4.20 -19.09
C ALA B 142 3.08 2.85 -19.48
N GLY B 143 2.59 2.11 -18.49
CA GLY B 143 2.05 0.78 -18.67
C GLY B 143 1.02 0.62 -19.78
N ALA B 144 1.30 -0.29 -20.70
CA ALA B 144 0.44 -0.48 -21.86
C ALA B 144 -0.45 -1.72 -21.70
N ALA B 145 -0.58 -2.18 -20.47
CA ALA B 145 -1.65 -3.10 -20.10
C ALA B 145 -1.57 -4.39 -20.90
N ALA B 146 -0.41 -5.04 -20.86
CA ALA B 146 0.09 -5.79 -22.01
C ALA B 146 0.52 -7.20 -21.61
N ARG B 147 0.19 -7.58 -20.38
CA ARG B 147 0.60 -8.87 -19.85
C ARG B 147 2.03 -8.85 -19.34
N LEU B 148 3.37 -9.76 -20.14
CA LEU B 148 3.94 -10.42 -18.98
C LEU B 148 3.89 -11.93 -19.17
N ASP B 149 5.02 -12.49 -19.63
CA ASP B 149 5.13 -13.91 -19.92
C ASP B 149 5.41 -14.73 -18.65
N GLY B 150 5.43 -16.06 -18.81
CA GLY B 150 5.85 -16.98 -17.76
C GLY B 150 7.23 -17.59 -17.95
N LEU B 151 7.95 -17.20 -19.02
CA LEU B 151 9.27 -17.76 -19.32
C LEU B 151 10.34 -16.88 -18.75
N GLY B 152 11.59 -17.36 -18.75
CA GLY B 152 12.66 -16.75 -17.93
C GLY B 152 12.58 -17.39 -16.56
N GLY B 153 12.94 -16.68 -15.51
CA GLY B 153 12.62 -17.15 -14.16
C GLY B 153 13.67 -18.06 -13.56
N ARG B 154 14.13 -17.71 -12.36
CA ARG B 154 15.16 -18.47 -11.67
C ARG B 154 14.47 -19.42 -10.71
N VAL B 155 14.75 -20.71 -10.85
CA VAL B 155 14.07 -21.76 -10.10
C VAL B 155 15.05 -22.54 -9.23
N LEU B 156 14.82 -22.53 -7.92
CA LEU B 156 15.61 -23.30 -6.98
C LEU B 156 14.97 -24.68 -6.76
N ILE B 157 15.78 -25.73 -6.79
CA ILE B 157 15.28 -27.11 -6.64
C ILE B 157 15.87 -27.75 -5.39
N VAL B 158 15.05 -27.84 -4.35
CA VAL B 158 15.46 -28.40 -3.05
C VAL B 158 15.12 -29.88 -2.98
N ASP B 159 16.15 -30.71 -3.11
CA ASP B 159 15.97 -32.16 -3.30
C ASP B 159 17.24 -32.91 -2.89
N ASP B 160 17.08 -34.03 -2.20
CA ASP B 160 18.23 -34.90 -1.86
C ASP B 160 18.20 -36.21 -2.66
N ASN B 161 17.50 -36.19 -3.80
CA ASN B 161 17.50 -37.29 -4.74
C ASN B 161 18.14 -36.78 -6.02
N GLU B 162 19.40 -37.15 -6.22
CA GLU B 162 20.21 -36.65 -7.34
C GLU B 162 19.59 -37.02 -8.69
N ARG B 163 19.22 -38.28 -8.87
CA ARG B 163 18.58 -38.71 -10.11
C ARG B 163 17.37 -37.79 -10.45
N GLN B 164 16.40 -37.73 -9.54
CA GLN B 164 15.21 -36.89 -9.70
C GLN B 164 15.51 -35.42 -9.94
N ALA B 165 16.40 -34.83 -9.17
CA ALA B 165 16.70 -33.39 -9.31
C ALA B 165 17.18 -33.03 -10.71
N GLN B 166 18.14 -33.80 -11.22
CA GLN B 166 18.75 -33.57 -12.54
C GLN B 166 17.72 -33.67 -13.66
N ARG B 167 16.79 -34.60 -13.54
CA ARG B 167 15.69 -34.71 -14.52
C ARG B 167 14.88 -33.43 -14.54
N VAL B 168 14.48 -32.96 -13.35
CA VAL B 168 13.73 -31.72 -13.19
C VAL B 168 14.53 -30.53 -13.73
N ALA B 169 15.82 -30.51 -13.43
CA ALA B 169 16.72 -29.46 -13.92
C ALA B 169 16.91 -29.48 -15.45
N ALA B 170 16.99 -30.67 -16.03
CA ALA B 170 17.15 -30.81 -17.48
C ALA B 170 15.92 -30.29 -18.24
N GLU B 171 14.73 -30.57 -17.72
CA GLU B 171 13.49 -30.14 -18.36
C GLU B 171 13.31 -28.62 -18.32
N LEU B 172 13.48 -28.04 -17.15
CA LEU B 172 13.35 -26.60 -17.00
C LEU B 172 14.47 -25.84 -17.70
N GLY B 173 15.62 -26.51 -17.84
CA GLY B 173 16.83 -25.90 -18.39
C GLY B 173 16.69 -25.13 -19.68
N VAL B 174 15.80 -25.58 -20.56
CA VAL B 174 15.65 -24.97 -21.88
C VAL B 174 15.03 -23.57 -21.77
N GLU B 175 13.98 -23.46 -20.95
CA GLU B 175 13.18 -22.23 -20.84
C GLU B 175 13.45 -21.38 -19.61
N HIS B 176 14.12 -21.94 -18.60
CA HIS B 176 14.34 -21.24 -17.34
C HIS B 176 15.80 -21.33 -16.87
N ARG B 177 16.06 -20.78 -15.68
CA ARG B 177 17.39 -20.74 -15.05
C ARG B 177 17.40 -21.57 -13.76
N PRO B 178 17.41 -22.90 -13.87
CA PRO B 178 17.36 -23.77 -12.69
C PRO B 178 18.65 -23.91 -11.90
N VAL B 179 18.56 -24.02 -10.58
CA VAL B 179 19.69 -24.34 -9.70
C VAL B 179 19.32 -25.39 -8.65
N ILE B 180 20.12 -26.45 -8.55
CA ILE B 180 19.89 -27.52 -7.56
C ILE B 180 20.55 -27.15 -6.23
N GLU B 181 19.96 -27.63 -5.12
CA GLU B 181 20.49 -27.41 -3.77
C GLU B 181 19.90 -28.43 -2.79
N SER B 182 20.69 -29.43 -2.42
CA SER B 182 20.21 -30.51 -1.56
C SER B 182 20.30 -30.23 -0.04
N ASP B 183 20.94 -29.13 0.34
CA ASP B 183 21.02 -28.74 1.74
C ASP B 183 19.91 -27.76 2.07
N PRO B 184 19.01 -28.14 3.00
CA PRO B 184 17.91 -27.24 3.34
C PRO B 184 18.36 -25.94 4.04
N GLU B 185 19.41 -26.02 4.86
CA GLU B 185 19.87 -24.85 5.59
C GLU B 185 20.44 -23.78 4.65
N LYS B 186 21.32 -24.21 3.73
CA LYS B 186 21.81 -23.36 2.65
C LYS B 186 20.66 -22.83 1.79
N ALA B 187 19.74 -23.74 1.47
CA ALA B 187 18.57 -23.40 0.66
C ALA B 187 17.77 -22.24 1.24
N LYS B 188 17.59 -22.22 2.57
CA LYS B 188 16.94 -21.08 3.23
C LYS B 188 17.59 -19.77 2.83
N ILE B 189 18.93 -19.75 2.79
CA ILE B 189 19.65 -18.54 2.39
C ILE B 189 19.37 -18.21 0.92
N SER B 190 19.71 -19.14 0.03
CA SER B 190 19.49 -18.99 -1.42
C SER B 190 18.11 -18.45 -1.75
N ALA B 191 17.09 -19.02 -1.12
CA ALA B 191 15.69 -18.65 -1.33
C ALA B 191 15.39 -17.18 -1.04
N GLY B 192 16.20 -16.55 -0.19
CA GLY B 192 16.12 -15.11 0.01
C GLY B 192 16.60 -14.30 -1.20
N GLY B 193 17.66 -14.80 -1.83
CA GLY B 193 18.32 -14.09 -2.93
C GLY B 193 17.46 -13.87 -4.16
N PRO B 194 18.08 -13.96 -5.35
CA PRO B 194 17.38 -13.77 -6.63
C PRO B 194 16.72 -15.10 -7.10
N VAL B 195 15.47 -15.32 -6.70
CA VAL B 195 14.73 -16.54 -6.98
C VAL B 195 13.27 -16.21 -7.25
N ASP B 196 12.71 -16.81 -8.30
CA ASP B 196 11.30 -16.59 -8.66
C ASP B 196 10.38 -17.69 -8.12
N LEU B 197 10.89 -18.91 -8.02
CA LEU B 197 10.08 -20.07 -7.67
C LEU B 197 10.94 -21.10 -6.98
N VAL B 198 10.39 -21.75 -5.97
CA VAL B 198 11.05 -22.88 -5.34
C VAL B 198 10.28 -24.16 -5.62
N ILE B 199 10.99 -25.22 -5.98
CA ILE B 199 10.42 -26.55 -6.10
C ILE B 199 10.97 -27.42 -4.99
N VAL B 200 10.08 -27.98 -4.17
CA VAL B 200 10.47 -28.71 -2.96
C VAL B 200 9.90 -30.10 -2.96
N ASN B 201 10.72 -31.08 -2.64
CA ASN B 201 10.30 -32.46 -2.56
C ASN B 201 9.74 -32.81 -1.16
N ALA B 202 8.45 -33.10 -1.08
CA ALA B 202 7.79 -33.38 0.20
C ALA B 202 8.09 -34.77 0.72
N ALA B 203 8.51 -35.65 -0.18
CA ALA B 203 8.87 -37.03 0.16
C ALA B 203 10.39 -37.21 0.17
N ALA B 204 11.13 -36.14 0.49
CA ALA B 204 12.59 -36.24 0.67
C ALA B 204 12.92 -37.14 1.86
N LYS B 205 14.05 -37.82 1.80
CA LYS B 205 14.45 -38.80 2.85
C LYS B 205 15.23 -38.19 4.02
N ASN B 206 15.92 -37.08 3.78
CA ASN B 206 16.80 -36.50 4.80
C ASN B 206 16.30 -35.23 5.46
N PHE B 207 15.15 -34.74 5.02
CA PHE B 207 14.49 -33.58 5.65
C PHE B 207 13.00 -33.55 5.24
N ASP B 208 12.21 -32.81 6.01
CA ASP B 208 10.77 -32.66 5.76
C ASP B 208 10.53 -31.44 4.87
N GLY B 209 10.11 -31.69 3.63
CA GLY B 209 9.87 -30.61 2.67
C GLY B 209 8.80 -29.65 3.11
N LEU B 210 7.81 -30.17 3.82
CA LEU B 210 6.70 -29.36 4.30
C LEU B 210 7.12 -28.46 5.44
N ARG B 211 7.96 -28.98 6.33
CA ARG B 211 8.49 -28.15 7.38
C ARG B 211 9.38 -27.05 6.79
N PHE B 212 10.15 -27.41 5.76
CA PHE B 212 10.99 -26.43 5.09
C PHE B 212 10.16 -25.33 4.46
N THR B 213 9.01 -25.69 3.92
CA THR B 213 8.11 -24.71 3.31
C THR B 213 7.46 -23.79 4.32
N ALA B 214 7.03 -24.38 5.43
CA ALA B 214 6.50 -23.65 6.56
C ALA B 214 7.51 -22.62 7.02
N ALA B 215 8.78 -23.02 7.05
CA ALA B 215 9.88 -22.11 7.36
C ALA B 215 9.91 -20.88 6.45
N LEU B 216 9.93 -21.10 5.12
CA LEU B 216 9.89 -19.99 4.16
C LEU B 216 8.69 -19.08 4.40
N ARG B 217 7.52 -19.69 4.57
CA ARG B 217 6.28 -18.93 4.79
C ARG B 217 6.29 -18.11 6.09
N SER B 218 6.89 -18.63 7.15
CA SER B 218 6.84 -17.89 8.41
C SER B 218 7.69 -16.61 8.39
N GLU B 219 8.86 -16.65 7.72
CA GLU B 219 9.74 -15.46 7.65
C GLU B 219 9.21 -14.44 6.62
N GLU B 220 9.04 -13.19 7.04
CA GLU B 220 8.38 -12.12 6.23
C GLU B 220 8.96 -11.96 4.83
N ARG B 221 10.30 -12.11 4.73
CA ARG B 221 11.04 -11.92 3.48
C ARG B 221 10.58 -12.84 2.33
N THR B 222 10.17 -14.08 2.68
CA THR B 222 9.88 -15.11 1.68
C THR B 222 8.45 -15.66 1.78
N ARG B 223 7.58 -14.96 2.50
CA ARG B 223 6.17 -15.38 2.63
C ARG B 223 5.41 -15.34 1.30
N GLN B 224 5.89 -14.51 0.37
CA GLN B 224 5.24 -14.31 -0.93
C GLN B 224 5.78 -15.21 -2.02
N LEU B 225 6.98 -15.77 -1.80
CA LEU B 225 7.69 -16.57 -2.80
C LEU B 225 6.90 -17.83 -3.16
N PRO B 226 6.56 -18.01 -4.48
CA PRO B 226 5.79 -19.19 -4.87
C PRO B 226 6.56 -20.48 -4.63
N VAL B 227 5.85 -21.51 -4.21
CA VAL B 227 6.43 -22.80 -3.91
C VAL B 227 5.57 -23.88 -4.56
N LEU B 228 6.23 -24.74 -5.32
CA LEU B 228 5.59 -25.86 -5.95
C LEU B 228 6.14 -27.17 -5.31
N ALA B 229 5.27 -28.03 -4.81
CA ALA B 229 5.71 -29.18 -4.00
C ALA B 229 5.48 -30.52 -4.68
N MET B 230 6.49 -31.38 -4.66
CA MET B 230 6.36 -32.73 -5.20
C MET B 230 5.87 -33.66 -4.08
N VAL B 231 4.77 -34.36 -4.33
CA VAL B 231 4.11 -35.19 -3.31
C VAL B 231 3.69 -36.56 -3.86
N ASP B 232 3.31 -37.46 -2.96
CA ASP B 232 2.79 -38.78 -3.30
C ASP B 232 1.28 -38.72 -3.63
N PRO B 233 0.85 -39.16 -4.84
CA PRO B 233 -0.58 -39.10 -5.18
C PRO B 233 -1.50 -39.98 -4.32
N ASP B 234 -0.93 -40.91 -3.55
CA ASP B 234 -1.70 -41.83 -2.69
C ASP B 234 -1.82 -41.38 -1.24
N ASP B 235 -1.23 -40.24 -0.91
CA ASP B 235 -1.15 -39.76 0.47
C ASP B 235 -1.95 -38.47 0.56
N ARG B 236 -3.24 -38.63 0.71
CA ARG B 236 -4.15 -37.50 0.63
C ARG B 236 -3.95 -36.54 1.79
N GLY B 237 -3.74 -37.10 2.98
CA GLY B 237 -3.56 -36.31 4.20
C GLY B 237 -2.42 -35.33 4.10
N ARG B 238 -1.38 -35.73 3.40
CA ARG B 238 -0.16 -34.95 3.23
C ARG B 238 -0.33 -33.85 2.17
N MET B 239 -1.05 -34.16 1.10
CA MET B 239 -1.45 -33.15 0.10
C MET B 239 -2.28 -32.01 0.69
N VAL B 240 -3.24 -32.33 1.57
CA VAL B 240 -4.07 -31.30 2.19
C VAL B 240 -3.22 -30.42 3.10
N LYS B 241 -2.37 -31.07 3.90
CA LYS B 241 -1.42 -30.37 4.76
C LYS B 241 -0.60 -29.35 3.95
N ALA B 242 -0.03 -29.83 2.86
CA ALA B 242 0.76 -29.01 1.95
C ALA B 242 -0.01 -27.76 1.55
N LEU B 243 -1.26 -27.94 1.14
CA LEU B 243 -2.07 -26.80 0.75
C LEU B 243 -2.33 -25.86 1.94
N GLU B 244 -2.60 -26.46 3.11
CA GLU B 244 -2.90 -25.70 4.32
C GLU B 244 -1.74 -24.86 4.82
N ILE B 245 -0.52 -25.37 4.78
CA ILE B 245 0.61 -24.56 5.27
C ILE B 245 0.95 -23.44 4.28
N GLY B 246 0.63 -23.61 3.00
CA GLY B 246 0.71 -22.48 2.06
C GLY B 246 1.28 -22.71 0.67
N VAL B 247 1.50 -23.97 0.31
CA VAL B 247 1.99 -24.37 -1.00
C VAL B 247 1.12 -23.83 -2.13
N ASN B 248 1.72 -23.20 -3.13
CA ASN B 248 0.95 -22.64 -4.24
C ASN B 248 0.33 -23.69 -5.12
N ASP B 249 1.06 -24.79 -5.32
CA ASP B 249 0.67 -25.83 -6.27
C ASP B 249 1.40 -27.15 -6.01
N ILE B 250 0.84 -28.24 -6.53
CA ILE B 250 1.31 -29.61 -6.24
C ILE B 250 1.57 -30.40 -7.52
N LEU B 251 2.51 -31.34 -7.44
CA LEU B 251 2.84 -32.26 -8.53
C LEU B 251 3.01 -33.70 -8.02
N SER B 252 2.50 -34.67 -8.78
CA SER B 252 2.67 -36.08 -8.41
C SER B 252 4.01 -36.70 -8.79
N ARG B 253 4.65 -37.37 -7.83
CA ARG B 253 5.73 -38.31 -8.15
C ARG B 253 5.12 -39.56 -8.81
N PRO B 254 5.68 -40.01 -9.93
CA PRO B 254 6.90 -39.57 -10.62
C PRO B 254 6.65 -38.33 -11.48
N ILE B 255 7.68 -37.51 -11.62
CA ILE B 255 7.50 -36.20 -12.23
C ILE B 255 7.37 -36.26 -13.74
N ASP B 256 6.17 -36.01 -14.23
CA ASP B 256 5.90 -35.81 -15.64
C ASP B 256 6.44 -34.44 -16.08
N PRO B 257 7.48 -34.41 -16.92
CA PRO B 257 8.12 -33.13 -17.27
C PRO B 257 7.23 -32.16 -18.04
N GLN B 258 6.21 -32.64 -18.74
CA GLN B 258 5.31 -31.73 -19.44
C GLN B 258 4.32 -31.07 -18.47
N GLU B 259 3.85 -31.84 -17.50
CA GLU B 259 3.08 -31.26 -16.39
C GLU B 259 3.95 -30.26 -15.67
N LEU B 260 5.16 -30.66 -15.29
CA LEU B 260 6.09 -29.76 -14.62
C LEU B 260 6.20 -28.43 -15.32
N SER B 261 6.49 -28.47 -16.61
CA SER B 261 6.68 -27.25 -17.36
C SER B 261 5.47 -26.35 -17.34
N ALA B 262 4.29 -26.94 -17.45
CA ALA B 262 3.06 -26.15 -17.49
C ALA B 262 2.82 -25.44 -16.17
N ARG B 263 3.02 -26.13 -15.06
CA ARG B 263 2.73 -25.51 -13.77
C ARG B 263 3.79 -24.51 -13.36
N VAL B 264 5.03 -24.71 -13.75
CA VAL B 264 6.06 -23.74 -13.42
C VAL B 264 5.77 -22.43 -14.14
N LYS B 265 5.35 -22.51 -15.40
CA LYS B 265 5.01 -21.32 -16.15
C LYS B 265 3.83 -20.58 -15.53
N THR B 266 2.76 -21.29 -15.22
CA THR B 266 1.60 -20.70 -14.56
C THR B 266 2.00 -19.88 -13.33
N GLN B 267 2.82 -20.48 -12.45
CA GLN B 267 3.18 -19.85 -11.19
C GLN B 267 4.08 -18.66 -11.35
N ILE B 268 5.02 -18.73 -12.29
CA ILE B 268 5.90 -17.62 -12.56
C ILE B 268 5.13 -16.44 -13.16
N GLN B 269 4.10 -16.72 -13.93
CA GLN B 269 3.34 -15.66 -14.57
C GLN B 269 2.39 -14.95 -13.59
N ARG B 270 1.92 -15.63 -12.56
CA ARG B 270 1.06 -14.99 -11.57
C ARG B 270 1.89 -14.16 -10.58
N LYS B 271 3.06 -14.65 -10.25
CA LYS B 271 3.97 -13.93 -9.38
C LYS B 271 4.44 -12.65 -10.07
N ARG B 272 4.64 -12.68 -11.38
CA ARG B 272 5.03 -11.46 -12.07
C ARG B 272 3.90 -10.46 -12.12
N TYR B 273 2.67 -10.91 -12.28
CA TYR B 273 1.56 -10.00 -12.34
C TYR B 273 1.44 -9.20 -11.05
N THR B 274 1.70 -9.85 -9.92
CA THR B 274 1.48 -9.21 -8.65
C THR B 274 2.66 -8.31 -8.30
N ASP B 275 3.78 -8.49 -8.95
CA ASP B 275 4.89 -7.57 -8.78
C ASP B 275 4.77 -6.35 -9.70
N TYR B 276 4.04 -6.50 -10.80
CA TYR B 276 3.67 -5.37 -11.62
C TYR B 276 2.81 -4.44 -10.78
N LEU B 277 1.84 -5.00 -10.08
CA LEU B 277 0.94 -4.19 -9.27
C LEU B 277 1.70 -3.45 -8.14
N ARG B 278 2.54 -4.16 -7.40
CA ARG B 278 3.33 -3.56 -6.32
C ARG B 278 4.19 -2.41 -6.79
N ASN B 279 4.82 -2.56 -7.95
CA ASN B 279 5.72 -1.53 -8.45
C ASN B 279 4.95 -0.34 -9.00
N ASN B 280 3.86 -0.60 -9.72
CA ASN B 280 2.98 0.48 -10.14
C ASN B 280 2.49 1.32 -8.95
N LEU B 281 2.09 0.67 -7.88
CA LEU B 281 1.68 1.40 -6.68
C LEU B 281 2.83 2.28 -6.17
N ASP B 282 4.05 1.76 -6.19
CA ASP B 282 5.20 2.50 -5.66
C ASP B 282 5.68 3.58 -6.60
N HIS B 283 5.54 3.39 -7.90
CA HIS B 283 5.92 4.43 -8.85
C HIS B 283 4.98 5.63 -8.76
N SER B 284 3.70 5.40 -8.48
CA SER B 284 2.76 6.51 -8.38
C SER B 284 2.99 7.35 -7.11
N LEU B 285 3.34 6.70 -6.01
CA LEU B 285 3.72 7.42 -4.79
C LEU B 285 5.00 8.25 -4.99
N GLU B 286 5.94 7.75 -5.77
CA GLU B 286 7.17 8.50 -6.06
C GLU B 286 6.85 9.88 -6.66
N LEU B 287 5.87 9.90 -7.55
CA LEU B 287 5.48 11.13 -8.25
C LEU B 287 4.78 12.15 -7.35
N ALA B 288 4.34 11.78 -6.15
CA ALA B 288 3.70 12.75 -5.25
C ALA B 288 4.71 13.80 -4.78
N VAL B 289 4.32 15.08 -4.87
CA VAL B 289 5.21 16.17 -4.45
C VAL B 289 4.74 16.88 -3.22
N THR B 290 3.46 16.82 -2.87
CA THR B 290 3.01 17.51 -1.65
C THR B 290 2.62 16.57 -0.50
N ASP B 291 2.69 17.10 0.72
CA ASP B 291 2.25 16.41 1.93
C ASP B 291 0.74 16.55 2.07
N GLN B 292 0.06 15.42 2.15
CA GLN B 292 -1.41 15.42 2.10
C GLN B 292 -2.07 16.34 3.15
N LEU B 293 -1.68 16.20 4.42
CA LEU B 293 -2.28 16.99 5.50
C LEU B 293 -2.05 18.50 5.38
N THR B 294 -0.78 18.91 5.29
CA THR B 294 -0.43 20.33 5.32
C THR B 294 -0.35 20.99 3.94
N GLY B 295 -0.19 20.19 2.88
CA GLY B 295 -0.12 20.75 1.54
C GLY B 295 1.20 21.45 1.18
N LEU B 296 2.07 21.63 2.17
CA LEU B 296 3.46 21.88 1.93
C LEU B 296 4.06 20.77 1.09
N HIS B 297 5.29 20.98 0.63
CA HIS B 297 6.00 19.97 -0.13
C HIS B 297 6.46 18.85 0.80
N ASN B 298 6.54 17.63 0.26
CA ASN B 298 7.01 16.49 1.03
C ASN B 298 8.52 16.42 1.06
N ARG B 299 9.04 15.55 1.90
CA ARG B 299 10.45 15.55 2.10
C ARG B 299 11.19 14.92 0.90
N ARG B 300 10.52 14.04 0.18
CA ARG B 300 11.11 13.48 -1.04
C ARG B 300 11.46 14.55 -2.03
N TYR B 301 10.48 15.39 -2.34
CA TYR B 301 10.69 16.53 -3.21
C TYR B 301 11.80 17.44 -2.68
N MET B 302 11.76 17.70 -1.40
CA MET B 302 12.73 18.56 -0.79
C MET B 302 14.13 17.99 -0.90
N THR B 303 14.34 16.72 -0.57
CA THR B 303 15.73 16.24 -0.60
C THR B 303 16.29 16.23 -2.04
N GLY B 304 15.44 16.03 -3.04
CA GLY B 304 15.87 16.12 -4.44
C GLY B 304 16.44 17.50 -4.79
N GLN B 305 15.67 18.56 -4.47
CA GLN B 305 16.10 19.93 -4.67
C GLN B 305 17.35 20.25 -3.87
N LEU B 306 17.45 19.71 -2.66
CA LEU B 306 18.58 20.02 -1.81
C LEU B 306 19.84 19.41 -2.38
N ASP B 307 19.71 18.27 -3.06
CA ASP B 307 20.87 17.64 -3.69
C ASP B 307 21.46 18.56 -4.75
N SER B 308 20.62 19.05 -5.65
CA SER B 308 21.07 19.96 -6.70
C SER B 308 21.69 21.24 -6.15
N LEU B 309 21.01 21.87 -5.21
CA LEU B 309 21.47 23.13 -4.65
C LEU B 309 22.79 22.99 -3.88
N VAL B 310 22.98 21.89 -3.17
CA VAL B 310 24.20 21.72 -2.42
C VAL B 310 25.35 21.40 -3.33
N LYS B 311 25.12 20.64 -4.39
CA LYS B 311 26.19 20.37 -5.35
C LYS B 311 26.70 21.67 -5.97
N ARG B 312 25.78 22.48 -6.46
CA ARG B 312 26.16 23.75 -7.03
C ARG B 312 26.91 24.58 -6.00
N ALA B 313 26.51 24.52 -4.74
CA ALA B 313 27.21 25.28 -3.69
C ALA B 313 28.66 24.86 -3.58
N THR B 314 28.87 23.55 -3.55
CA THR B 314 30.18 22.98 -3.33
C THR B 314 31.18 23.29 -4.43
N LEU B 315 30.70 23.43 -5.65
CA LEU B 315 31.58 23.75 -6.76
C LEU B 315 31.75 25.27 -6.98
N GLY B 316 31.35 26.08 -6.00
CA GLY B 316 31.61 27.52 -6.05
C GLY B 316 30.42 28.44 -6.16
N GLY B 317 29.22 27.90 -6.35
CA GLY B 317 28.02 28.71 -6.49
C GLY B 317 27.48 29.29 -5.20
N ASP B 318 26.22 29.70 -5.21
CA ASP B 318 25.57 30.36 -4.06
C ASP B 318 25.56 29.42 -2.85
N PRO B 319 25.68 29.97 -1.63
CA PRO B 319 25.46 29.10 -0.45
C PRO B 319 23.99 28.76 -0.19
N VAL B 320 23.75 27.68 0.54
CA VAL B 320 22.41 27.26 0.91
C VAL B 320 22.32 27.10 2.43
N SER B 321 21.20 27.51 3.03
CA SER B 321 20.95 27.23 4.45
C SER B 321 19.72 26.36 4.67
N ALA B 322 19.66 25.71 5.82
CA ALA B 322 18.49 24.92 6.18
C ALA B 322 18.05 25.26 7.60
N LEU B 323 16.74 25.41 7.79
CA LEU B 323 16.12 25.48 9.10
C LEU B 323 15.40 24.17 9.39
N LEU B 324 15.64 23.59 10.56
CA LEU B 324 14.91 22.43 11.01
C LEU B 324 14.10 22.79 12.26
N ILE B 325 12.79 22.82 12.09
CA ILE B 325 11.83 23.25 13.11
C ILE B 325 11.10 22.05 13.68
N ASP B 326 11.07 21.95 15.00
CA ASP B 326 10.34 20.86 15.66
C ASP B 326 9.49 21.48 16.75
N ILE B 327 8.21 21.12 16.76
CA ILE B 327 7.24 21.69 17.68
C ILE B 327 7.48 21.15 19.08
N ASP B 328 7.34 22.01 20.09
CA ASP B 328 7.58 21.64 21.49
C ASP B 328 6.35 21.01 22.17
N PHE B 329 6.57 19.91 22.89
CA PHE B 329 5.51 19.24 23.66
C PHE B 329 4.32 18.82 22.81
N PHE B 330 4.59 18.44 21.57
CA PHE B 330 3.51 18.08 20.66
C PHE B 330 2.76 16.84 21.11
N LYS B 331 3.45 15.92 21.77
CA LYS B 331 2.79 14.75 22.32
C LYS B 331 1.82 15.16 23.43
N LYS B 332 2.18 16.13 24.26
CA LYS B 332 1.29 16.61 25.31
C LYS B 332 0.01 17.23 24.73
N ILE B 333 0.14 17.86 23.56
CA ILE B 333 -1.05 18.39 22.87
C ILE B 333 -2.00 17.26 22.49
N ASN B 334 -1.49 16.25 21.80
CA ASN B 334 -2.32 15.10 21.44
C ASN B 334 -2.89 14.37 22.65
N ASP B 335 -2.12 14.26 23.72
CA ASP B 335 -2.55 13.55 24.93
C ASP B 335 -3.59 14.29 25.75
N THR B 336 -3.74 15.59 25.54
CA THR B 336 -4.69 16.40 26.32
C THR B 336 -5.94 16.73 25.51
N PHE B 337 -5.76 17.23 24.29
CA PHE B 337 -6.87 17.73 23.47
C PHE B 337 -7.27 16.80 22.32
N GLY B 338 -6.47 15.76 22.05
CA GLY B 338 -6.78 14.78 21.02
C GLY B 338 -6.12 15.03 19.68
N HIS B 339 -5.92 13.95 18.93
CA HIS B 339 -5.30 13.99 17.60
C HIS B 339 -5.86 15.01 16.59
N ASP B 340 -7.17 15.18 16.58
CA ASP B 340 -7.82 16.12 15.67
C ASP B 340 -7.26 17.51 15.88
N ILE B 341 -7.22 17.93 17.14
CA ILE B 341 -6.68 19.23 17.51
C ILE B 341 -5.19 19.34 17.15
N GLY B 342 -4.47 18.23 17.31
CA GLY B 342 -3.09 18.14 16.84
C GLY B 342 -2.94 18.48 15.36
N ASP B 343 -3.92 18.06 14.56
CA ASP B 343 -3.92 18.32 13.12
C ASP B 343 -4.32 19.75 12.76
N GLU B 344 -5.20 20.35 13.56
CA GLU B 344 -5.53 21.77 13.40
C GLU B 344 -4.26 22.61 13.58
N VAL B 345 -3.46 22.27 14.60
CA VAL B 345 -2.23 22.99 14.89
C VAL B 345 -1.26 22.87 13.73
N LEU B 346 -1.05 21.63 13.28
CA LEU B 346 -0.12 21.38 12.16
C LEU B 346 -0.50 22.16 10.93
N ARG B 347 -1.79 22.14 10.57
CA ARG B 347 -2.25 22.86 9.38
C ARG B 347 -2.05 24.36 9.50
N GLU B 348 -2.41 24.93 10.65
CA GLU B 348 -2.25 26.37 10.87
C GLU B 348 -0.77 26.74 10.85
N PHE B 349 0.05 25.93 11.50
CA PHE B 349 1.48 26.21 11.54
C PHE B 349 2.08 26.29 10.13
N ALA B 350 1.65 25.39 9.25
CA ALA B 350 2.11 25.35 7.87
C ALA B 350 1.74 26.61 7.10
N LEU B 351 0.52 27.08 7.24
CA LEU B 351 0.11 28.34 6.61
C LEU B 351 0.91 29.54 7.18
N ARG B 352 1.12 29.62 8.51
CA ARG B 352 1.92 30.70 9.09
C ARG B 352 3.37 30.70 8.56
N LEU B 353 3.95 29.50 8.45
CA LEU B 353 5.32 29.36 8.00
C LEU B 353 5.44 29.84 6.54
N ALA B 354 4.60 29.28 5.68
CA ALA B 354 4.58 29.61 4.27
C ALA B 354 4.56 31.11 4.07
N SER B 355 3.74 31.82 4.83
CA SER B 355 3.49 33.24 4.59
C SER B 355 4.42 34.21 5.36
N ASN B 356 5.44 33.69 6.03
CA ASN B 356 6.41 34.54 6.72
C ASN B 356 7.82 34.34 6.16
N VAL B 357 7.87 33.74 4.98
CA VAL B 357 9.09 33.36 4.32
C VAL B 357 8.90 33.72 2.83
N ARG B 358 9.99 33.91 2.09
CA ARG B 358 9.87 34.32 0.69
C ARG B 358 9.45 33.18 -0.22
N ALA B 359 8.83 33.55 -1.34
CA ALA B 359 8.44 32.61 -2.40
C ALA B 359 9.59 31.70 -2.85
N ILE B 360 10.79 32.24 -2.99
CA ILE B 360 11.95 31.48 -3.44
C ILE B 360 12.37 30.41 -2.43
N ASP B 361 11.91 30.53 -1.19
CA ASP B 361 12.25 29.50 -0.20
C ASP B 361 11.35 28.29 -0.29
N LEU B 362 11.90 27.15 0.11
CA LEU B 362 11.24 25.84 0.02
C LEU B 362 10.89 25.38 1.43
N PRO B 363 9.64 25.65 1.89
CA PRO B 363 9.21 25.09 3.16
C PRO B 363 8.65 23.71 2.93
N CYS B 364 8.90 22.79 3.85
CA CYS B 364 8.38 21.42 3.65
C CYS B 364 8.07 20.64 4.91
N ARG B 365 7.30 19.56 4.74
CA ARG B 365 6.99 18.63 5.83
C ARG B 365 8.05 17.54 5.82
N TYR B 366 8.80 17.45 6.91
CA TYR B 366 9.98 16.62 7.01
C TYR B 366 9.76 15.34 7.82
N GLY B 367 8.96 15.42 8.86
CA GLY B 367 8.51 14.26 9.64
C GLY B 367 7.21 14.57 10.36
N GLY B 368 6.77 13.68 11.23
CA GLY B 368 5.52 13.88 11.98
C GLY B 368 5.31 15.31 12.46
N GLU B 369 6.22 15.79 13.31
CA GLU B 369 6.08 17.10 13.93
C GLU B 369 7.26 18.00 13.55
N GLU B 370 8.02 17.62 12.52
CA GLU B 370 9.21 18.37 12.07
C GLU B 370 8.97 19.05 10.72
N PHE B 371 9.52 20.25 10.58
CA PHE B 371 9.43 21.01 9.33
C PHE B 371 10.81 21.52 8.92
N VAL B 372 11.08 21.54 7.62
CA VAL B 372 12.34 22.06 7.13
C VAL B 372 12.09 23.19 6.17
N VAL B 373 12.88 24.26 6.30
CA VAL B 373 12.87 25.32 5.28
C VAL B 373 14.23 25.42 4.62
N ILE B 374 14.31 25.21 3.31
CA ILE B 374 15.56 25.41 2.57
C ILE B 374 15.56 26.80 2.01
N MET B 375 16.68 27.50 2.20
CA MET B 375 16.83 28.87 1.74
C MET B 375 17.99 28.98 0.77
N PRO B 376 17.69 29.12 -0.52
CA PRO B 376 18.78 29.29 -1.47
C PRO B 376 19.49 30.61 -1.28
N ASP B 377 20.75 30.64 -1.70
CA ASP B 377 21.55 31.86 -1.73
C ASP B 377 21.50 32.61 -0.41
N THR B 378 21.75 31.90 0.67
CA THR B 378 21.63 32.44 2.01
C THR B 378 22.72 31.84 2.89
N ALA B 379 23.30 32.69 3.74
CA ALA B 379 24.40 32.28 4.64
C ALA B 379 23.94 32.18 6.10
N LEU B 380 24.78 31.55 6.93
CA LEU B 380 24.43 31.23 8.33
C LEU B 380 23.82 32.38 9.13
N ALA B 381 24.42 33.56 9.05
CA ALA B 381 24.01 34.71 9.85
C ALA B 381 22.61 35.19 9.47
N ASP B 382 22.31 35.27 8.18
CA ASP B 382 20.96 35.69 7.78
C ASP B 382 19.94 34.64 8.21
N ALA B 383 20.31 33.37 8.08
CA ALA B 383 19.40 32.28 8.41
C ALA B 383 18.99 32.37 9.90
N LEU B 384 19.94 32.67 10.77
CA LEU B 384 19.64 32.89 12.19
C LEU B 384 18.64 34.03 12.42
N ARG B 385 18.76 35.12 11.68
CA ARG B 385 17.72 36.17 11.70
C ARG B 385 16.34 35.64 11.33
N ILE B 386 16.27 34.86 10.25
CA ILE B 386 15.02 34.32 9.74
C ILE B 386 14.41 33.34 10.74
N ALA B 387 15.26 32.54 11.39
CA ALA B 387 14.80 31.60 12.39
C ALA B 387 14.21 32.34 13.61
N GLU B 388 14.97 33.30 14.14
CA GLU B 388 14.48 34.19 15.19
C GLU B 388 13.10 34.75 14.82
N ARG B 389 12.94 35.24 13.59
CA ARG B 389 11.72 35.93 13.18
C ARG B 389 10.52 35.00 13.27
N ILE B 390 10.72 33.76 12.83
CA ILE B 390 9.70 32.74 12.81
C ILE B 390 9.35 32.30 14.21
N ARG B 391 10.37 32.17 15.05
CA ARG B 391 10.16 31.76 16.44
C ARG B 391 9.24 32.75 17.14
N MET B 392 9.54 34.04 17.02
CA MET B 392 8.80 35.09 17.70
C MET B 392 7.39 35.24 17.14
N HIS B 393 7.24 34.97 15.86
CA HIS B 393 5.93 35.00 15.23
C HIS B 393 5.01 33.88 15.71
N VAL B 394 5.56 32.67 15.84
CA VAL B 394 4.77 31.49 16.27
C VAL B 394 4.24 31.69 17.68
N SER B 395 5.15 31.98 18.60
CA SER B 395 4.81 32.13 20.02
C SER B 395 4.18 33.49 20.36
N GLY B 396 4.34 34.48 19.47
CA GLY B 396 3.74 35.79 19.69
C GLY B 396 2.22 35.83 19.57
N SER B 397 1.60 34.69 19.27
CA SER B 397 0.18 34.65 18.96
C SER B 397 -0.42 33.25 19.11
N PRO B 398 -1.53 33.12 19.87
CA PRO B 398 -2.06 31.77 20.11
C PRO B 398 -2.71 31.14 18.87
N PHE B 399 -3.00 29.84 18.92
CA PHE B 399 -3.56 29.08 17.79
C PHE B 399 -5.06 28.77 17.98
N THR B 400 -5.84 28.97 16.93
CA THR B 400 -7.27 28.64 16.95
C THR B 400 -7.44 27.14 16.90
N VAL B 401 -8.39 26.62 17.65
CA VAL B 401 -8.50 25.17 17.86
C VAL B 401 -9.93 24.76 18.21
N ALA B 402 -10.23 23.47 18.06
CA ALA B 402 -11.59 22.93 18.35
C ALA B 402 -12.64 23.64 17.48
N HIS B 403 -12.31 23.72 16.18
CA HIS B 403 -12.91 24.68 15.25
C HIS B 403 -13.52 25.90 15.93
N GLY B 404 -12.66 26.87 16.22
CA GLY B 404 -13.07 28.17 16.73
C GLY B 404 -13.18 28.24 18.23
N ARG B 405 -13.49 27.11 18.85
CA ARG B 405 -13.99 27.11 20.21
C ARG B 405 -12.92 27.38 21.28
N GLU B 406 -11.62 27.36 20.93
CA GLU B 406 -10.56 27.40 21.95
C GLU B 406 -9.17 27.80 21.40
N MET B 407 -8.39 28.55 22.17
CA MET B 407 -7.02 28.96 21.80
C MET B 407 -6.00 28.04 22.44
N LEU B 408 -4.82 27.96 21.83
CA LEU B 408 -3.71 27.20 22.39
C LEU B 408 -2.41 27.94 22.17
N ASN B 409 -1.51 27.86 23.14
CA ASN B 409 -0.18 28.41 22.96
C ASN B 409 0.75 27.31 22.49
N VAL B 410 1.59 27.62 21.51
CA VAL B 410 2.50 26.65 20.92
C VAL B 410 3.86 27.31 20.76
N THR B 411 4.93 26.57 21.02
CA THR B 411 6.27 27.10 20.76
C THR B 411 7.14 26.09 20.02
N ILE B 412 8.12 26.60 19.28
CA ILE B 412 8.98 25.72 18.48
C ILE B 412 10.44 25.91 18.83
N SER B 413 11.23 24.88 18.54
CA SER B 413 12.69 24.96 18.64
C SER B 413 13.28 24.79 17.25
N ILE B 414 14.30 25.58 16.92
CA ILE B 414 14.86 25.58 15.56
C ILE B 414 16.37 25.39 15.53
N GLY B 415 16.84 24.44 14.71
CA GLY B 415 18.27 24.26 14.41
C GLY B 415 18.59 24.82 13.02
N VAL B 416 19.74 25.47 12.89
CA VAL B 416 20.11 26.19 11.66
C VAL B 416 21.47 25.79 11.11
N SER B 417 21.59 25.79 9.79
CA SER B 417 22.68 25.14 9.13
C SER B 417 22.94 25.79 7.77
N ALA B 418 24.20 25.88 7.36
CA ALA B 418 24.57 26.43 6.05
C ALA B 418 25.65 25.56 5.43
N THR B 419 25.79 25.60 4.12
CA THR B 419 26.80 24.77 3.45
C THR B 419 28.20 25.25 3.78
N ALA B 420 29.19 24.35 3.68
CA ALA B 420 30.57 24.61 4.12
C ALA B 420 31.67 24.38 3.06
N GLY B 421 31.29 24.26 1.79
CA GLY B 421 32.27 24.22 0.70
C GLY B 421 32.42 22.87 0.05
N GLU B 422 33.55 22.66 -0.64
CA GLU B 422 33.68 21.52 -1.56
C GLU B 422 33.35 20.18 -0.92
N GLY B 423 33.76 19.94 0.30
CA GLY B 423 33.51 18.63 0.86
C GLY B 423 32.08 18.35 1.32
N ASP B 424 31.26 19.39 1.44
CA ASP B 424 29.98 19.27 2.12
C ASP B 424 28.96 18.44 1.33
N THR B 425 27.96 17.93 2.04
CA THR B 425 26.94 17.05 1.46
C THR B 425 25.62 17.34 2.13
N PRO B 426 24.51 17.13 1.44
CA PRO B 426 23.18 17.38 2.01
C PRO B 426 22.86 16.62 3.29
N GLU B 427 23.34 15.40 3.43
CA GLU B 427 23.14 14.65 4.67
C GLU B 427 23.91 15.29 5.83
N ALA B 428 25.15 15.72 5.57
CA ALA B 428 25.93 16.49 6.55
C ALA B 428 25.20 17.77 6.97
N LEU B 429 24.64 18.49 6.00
CA LEU B 429 23.96 19.73 6.27
C LEU B 429 22.78 19.48 7.22
N LEU B 430 22.01 18.44 6.92
CA LEU B 430 20.82 18.17 7.73
C LEU B 430 21.21 17.68 9.11
N LYS B 431 22.30 16.92 9.18
CA LYS B 431 22.77 16.42 10.44
C LYS B 431 23.20 17.55 11.37
N ARG B 432 23.80 18.60 10.83
CA ARG B 432 24.17 19.75 11.66
C ARG B 432 22.93 20.47 12.17
N ALA B 433 21.91 20.48 11.34
CA ALA B 433 20.67 21.14 11.69
C ALA B 433 20.05 20.46 12.89
N ASP B 434 19.94 19.14 12.89
CA ASP B 434 19.26 18.47 14.00
C ASP B 434 20.12 18.34 15.26
N GLU B 435 21.44 18.53 15.12
CA GLU B 435 22.31 18.75 16.29
C GLU B 435 21.96 20.09 16.94
N GLY B 436 21.63 21.09 16.14
CA GLY B 436 21.12 22.34 16.66
C GLY B 436 19.80 22.18 17.39
N VAL B 437 18.83 21.46 16.80
CA VAL B 437 17.54 21.29 17.45
C VAL B 437 17.73 20.62 18.80
N TYR B 438 18.65 19.66 18.83
CA TYR B 438 18.92 18.90 20.05
C TYR B 438 19.40 19.81 21.18
N GLN B 439 20.32 20.73 20.91
CA GLN B 439 20.85 21.63 21.96
C GLN B 439 19.76 22.62 22.37
N ALA B 440 18.99 23.08 21.37
CA ALA B 440 17.90 24.03 21.58
C ALA B 440 16.88 23.42 22.57
N LYS B 441 16.57 22.16 22.33
CA LYS B 441 15.77 21.35 23.25
C LYS B 441 16.37 21.40 24.66
N ALA B 442 17.63 21.02 24.75
CA ALA B 442 18.34 20.95 26.03
C ALA B 442 18.44 22.30 26.77
N SER B 443 18.53 23.39 26.01
CA SER B 443 18.65 24.73 26.60
C SER B 443 17.37 25.22 27.29
N GLY B 444 16.25 24.52 27.11
CA GLY B 444 14.97 24.92 27.70
C GLY B 444 13.89 25.26 26.68
N ARG B 445 14.14 25.01 25.40
CA ARG B 445 13.09 25.08 24.37
C ARG B 445 12.65 26.51 24.03
N ASN B 446 11.78 26.65 23.03
CA ASN B 446 11.46 27.96 22.48
C ASN B 446 12.76 28.73 22.22
N ALA B 447 13.64 28.13 21.40
CA ALA B 447 14.98 28.65 21.19
C ALA B 447 15.51 28.28 19.80
N VAL B 448 16.47 29.06 19.32
CA VAL B 448 17.16 28.85 18.05
C VAL B 448 18.65 28.59 18.31
N VAL B 449 19.21 27.55 17.69
CA VAL B 449 20.64 27.30 17.82
C VAL B 449 21.25 26.89 16.49
N GLY B 450 22.30 27.60 16.08
CA GLY B 450 23.01 27.30 14.85
C GLY B 450 24.31 26.59 15.15
N LYS B 451 24.38 25.30 14.80
CA LYS B 451 25.64 24.56 14.84
C LYS B 451 26.49 24.85 13.58
N ALA B 452 27.80 25.06 13.77
CA ALA B 452 28.69 25.57 12.71
C ALA B 452 29.53 24.48 12.02
N ALA B 453 30.08 24.81 10.84
CA ALA B 453 30.94 23.89 10.07
C ALA B 453 32.07 23.30 10.94
N HIS B 454 31.79 22.10 11.47
CA HIS B 454 32.72 21.29 12.30
C HIS B 454 32.91 21.89 13.68
#